data_8JBB
#
_entry.id   8JBB
#
_cell.length_a   58.240
_cell.length_b   75.120
_cell.length_c   103.690
_cell.angle_alpha   90.000
_cell.angle_beta   95.950
_cell.angle_gamma   90.000
#
_symmetry.space_group_name_H-M   'P 1 21 1'
#
loop_
_entity.id
_entity.type
_entity.pdbx_description
1 polymer 'CRISPR system endoribonuclease Csm6'
2 polymer "RNA (5'-R(*AP*(A23))-3')"
3 water water
#
loop_
_entity_poly.entity_id
_entity_poly.type
_entity_poly.pdbx_seq_one_letter_code
_entity_poly.pdbx_strand_id
1 'polypeptide(L)'
;MEDLDALWERYREAVRAGGNPQALYQEMVWPALLALWREKPRVYPFPQAFAVSVHTLGTSPEATALAILGAGAERVYVLH
TPESARFLPRLRQDTGKDLYPVEIGKSDVEAIYREVKRLLEKHPEVPVALDLTSGTKAMSAGLAAAGFFFQRFYPKVRVV
YVDNEDYDPELRRPRAGTEKLRILPNPHEALAEVDALFAKELYGKGEFGQAAAYFRGMVGRTGNQAYALYALLAEMYRAW
RALDFGEALKAGRKLLGQLSQNVWLNHPLNARREALEAQVALLEAVDRFLKARDFALKEGVYGLARTLLHLAQEAKEEAA
VLAALYAYRALELLLQERLALLGRRAEAPGLSPEEAEALRKALAELLGVLPEEVRLPAKLGLLDLLAFLRLKGDEALGRL
SLAELRGLAGALKGRNSALLVHGFDVPSPKAVEGIARLAQGLLQDLEARTALGPLSPEPVPLGF
;
A,B
2 'polyribonucleotide' A(A23) C,D
#
loop_
_chem_comp.id
_chem_comp.type
_chem_comp.name
_chem_comp.formula
A RNA linking ADENOSINE-5'-MONOPHOSPHATE 'C10 H14 N5 O7 P'
A23 RNA linking 'ADENOSINE-5'-PHOSPHATE-2',3'-CYCLIC PHOSPHATE' 'C10 H13 N5 O9 P2'
#
# COMPACT_ATOMS: atom_id res chain seq x y z
N ASP A 3 -17.78 16.93 -48.26
CA ASP A 3 -18.48 17.92 -47.44
C ASP A 3 -17.44 18.76 -46.70
N LEU A 4 -17.00 18.30 -45.52
CA LEU A 4 -15.83 18.93 -44.91
C LEU A 4 -14.58 18.66 -45.75
N ASP A 5 -14.55 17.53 -46.47
CA ASP A 5 -13.47 17.27 -47.41
C ASP A 5 -13.41 18.36 -48.47
N ALA A 6 -14.55 18.61 -49.14
CA ALA A 6 -14.60 19.67 -50.15
C ALA A 6 -14.35 21.04 -49.53
N LEU A 7 -14.81 21.25 -48.29
CA LEU A 7 -14.54 22.53 -47.63
C LEU A 7 -13.05 22.74 -47.40
N TRP A 8 -12.34 21.68 -47.03
CA TRP A 8 -10.91 21.76 -46.79
C TRP A 8 -10.15 22.02 -48.09
N GLU A 9 -10.58 21.39 -49.18
CA GLU A 9 -9.95 21.72 -50.47
C GLU A 9 -10.25 23.15 -50.90
N ARG A 10 -11.48 23.65 -50.69
CA ARG A 10 -11.76 25.05 -51.00
C ARG A 10 -10.91 25.99 -50.16
N TYR A 11 -10.70 25.65 -48.89
CA TYR A 11 -9.86 26.46 -48.01
C TYR A 11 -8.42 26.48 -48.49
N ARG A 12 -7.86 25.31 -48.78
CA ARG A 12 -6.48 25.25 -49.25
C ARG A 12 -6.34 26.00 -50.57
N GLU A 13 -7.37 25.94 -51.43
CA GLU A 13 -7.32 26.68 -52.70
C GLU A 13 -7.28 28.17 -52.45
N ALA A 14 -8.16 28.67 -51.58
CA ALA A 14 -8.16 30.11 -51.27
C ALA A 14 -6.85 30.56 -50.63
N VAL A 15 -6.20 29.67 -49.86
CA VAL A 15 -4.89 30.00 -49.29
C VAL A 15 -3.83 30.05 -50.38
N ARG A 16 -3.86 29.07 -51.30
CA ARG A 16 -2.93 29.04 -52.42
C ARG A 16 -2.99 30.33 -53.22
N ALA A 17 -4.17 30.94 -53.29
CA ALA A 17 -4.44 32.17 -54.02
C ALA A 17 -4.07 33.43 -53.22
N GLY A 18 -3.21 33.31 -52.20
CA GLY A 18 -2.67 34.45 -51.51
C GLY A 18 -3.46 34.96 -50.33
N GLY A 19 -4.59 34.34 -50.00
CA GLY A 19 -5.41 34.80 -48.89
C GLY A 19 -4.78 34.48 -47.54
N ASN A 20 -5.36 35.08 -46.50
CA ASN A 20 -4.78 34.96 -45.16
C ASN A 20 -5.21 33.64 -44.54
N PRO A 21 -4.28 32.72 -44.28
CA PRO A 21 -4.70 31.38 -43.80
C PRO A 21 -5.53 31.41 -42.53
N GLN A 22 -5.21 32.27 -41.57
CA GLN A 22 -5.92 32.26 -40.28
C GLN A 22 -7.31 32.87 -40.42
N ALA A 23 -7.39 34.06 -41.02
CA ALA A 23 -8.69 34.68 -41.26
C ALA A 23 -9.55 33.80 -42.15
N LEU A 24 -8.96 33.17 -43.16
CA LEU A 24 -9.73 32.26 -44.00
C LEU A 24 -10.20 31.03 -43.23
N TYR A 25 -9.38 30.51 -42.31
CA TYR A 25 -9.87 29.42 -41.45
C TYR A 25 -11.10 29.87 -40.68
N GLN A 26 -11.02 31.05 -40.05
CA GLN A 26 -12.11 31.56 -39.23
C GLN A 26 -13.38 31.75 -40.06
N GLU A 27 -13.23 32.14 -41.33
CA GLU A 27 -14.37 32.43 -42.19
C GLU A 27 -14.95 31.18 -42.85
N MET A 28 -14.10 30.28 -43.35
CA MET A 28 -14.52 29.19 -44.23
C MET A 28 -14.67 27.85 -43.53
N VAL A 29 -13.79 27.55 -42.57
CA VAL A 29 -13.73 26.20 -42.00
C VAL A 29 -14.37 26.16 -40.63
N TRP A 30 -13.98 27.09 -39.76
CA TRP A 30 -14.38 27.01 -38.37
C TRP A 30 -15.89 26.94 -38.15
N PRO A 31 -16.74 27.70 -38.87
CA PRO A 31 -18.20 27.56 -38.64
C PRO A 31 -18.72 26.16 -38.91
N ALA A 32 -18.28 25.52 -39.99
CA ALA A 32 -18.78 24.17 -40.29
C ALA A 32 -18.32 23.16 -39.23
N LEU A 33 -17.07 23.26 -38.79
CA LEU A 33 -16.53 22.36 -37.78
C LEU A 33 -17.22 22.57 -36.44
N LEU A 34 -17.36 23.82 -36.02
CA LEU A 34 -18.07 24.14 -34.78
C LEU A 34 -19.50 23.62 -34.82
N ALA A 35 -20.21 23.89 -35.92
CA ALA A 35 -21.53 23.32 -36.10
C ALA A 35 -21.52 21.81 -35.93
N LEU A 36 -20.58 21.12 -36.59
CA LEU A 36 -20.55 19.67 -36.49
C LEU A 36 -20.32 19.19 -35.05
N TRP A 37 -19.45 19.88 -34.31
CA TRP A 37 -19.24 19.47 -32.92
C TRP A 37 -20.42 19.81 -32.01
N ARG A 38 -21.24 20.79 -32.40
CA ARG A 38 -22.51 21.00 -31.69
C ARG A 38 -23.56 19.94 -32.05
N GLU A 39 -23.59 19.51 -33.32
CA GLU A 39 -24.58 18.51 -33.70
C GLU A 39 -24.21 17.16 -33.12
N LYS A 40 -23.07 16.61 -33.53
CA LYS A 40 -22.62 15.28 -33.11
C LYS A 40 -21.10 15.31 -32.95
N PRO A 41 -20.61 15.53 -31.73
CA PRO A 41 -19.16 15.62 -31.53
C PRO A 41 -18.49 14.27 -31.78
N ARG A 42 -17.33 14.31 -32.44
CA ARG A 42 -16.55 13.10 -32.73
C ARG A 42 -15.77 12.70 -31.49
N VAL A 43 -16.30 11.77 -30.73
CA VAL A 43 -15.72 11.37 -29.45
C VAL A 43 -15.52 9.86 -29.48
N TYR A 44 -14.29 9.42 -29.23
CA TYR A 44 -14.03 8.01 -29.23
C TYR A 44 -14.58 7.42 -27.96
N PHE A 46 -15.16 5.04 -26.85
CA PHE A 46 -16.55 4.74 -26.57
C PHE A 46 -17.14 5.99 -25.91
N PRO A 47 -18.41 6.31 -26.18
CA PRO A 47 -18.97 7.59 -25.71
C PRO A 47 -18.94 7.72 -24.20
N GLN A 48 -18.59 8.94 -23.73
CA GLN A 48 -18.26 9.17 -22.33
C GLN A 48 -19.11 10.30 -21.75
N ALA A 49 -19.39 10.20 -20.45
CA ALA A 49 -20.22 11.15 -19.72
C ALA A 49 -19.41 11.75 -18.58
N PHE A 50 -19.08 13.02 -18.68
CA PHE A 50 -18.31 13.73 -17.67
C PHE A 50 -19.21 14.75 -16.98
N ALA A 51 -19.03 14.91 -15.67
CA ALA A 51 -19.70 15.95 -14.92
C ALA A 51 -18.92 17.25 -14.92
N VAL A 52 -17.58 17.15 -14.93
CA VAL A 52 -16.70 18.30 -14.87
C VAL A 52 -15.62 18.15 -15.93
N SER A 53 -15.27 19.25 -16.59
CA SER A 53 -14.11 19.23 -17.46
C SER A 53 -13.20 20.40 -17.10
N VAL A 54 -11.91 20.18 -17.23
CA VAL A 54 -10.88 21.15 -16.89
C VAL A 54 -9.97 21.27 -18.10
N HIS A 55 -9.71 22.50 -18.54
CA HIS A 55 -9.10 22.75 -19.85
C HIS A 55 -7.95 23.72 -19.73
N THR A 56 -6.77 23.31 -20.20
CA THR A 56 -5.71 24.29 -20.40
C THR A 56 -6.03 25.12 -21.64
N LEU A 57 -5.54 26.36 -21.66
CA LEU A 57 -5.83 27.27 -22.77
C LEU A 57 -4.56 28.01 -23.16
N GLY A 58 -4.08 27.76 -24.37
CA GLY A 58 -2.95 28.50 -24.90
C GLY A 58 -3.40 29.57 -25.88
N THR A 59 -2.68 29.67 -27.00
CA THR A 59 -3.03 30.61 -28.06
C THR A 59 -3.86 29.96 -29.16
N SER A 60 -4.61 28.90 -28.83
CA SER A 60 -5.32 28.10 -29.83
C SER A 60 -6.72 27.77 -29.30
N PRO A 61 -7.59 28.78 -29.20
CA PRO A 61 -8.89 28.56 -28.54
C PRO A 61 -9.82 27.59 -29.29
N GLU A 62 -9.59 27.36 -30.58
CA GLU A 62 -10.47 26.46 -31.33
C GLU A 62 -10.43 25.04 -30.76
N ALA A 63 -9.23 24.57 -30.44
CA ALA A 63 -9.07 23.23 -29.92
C ALA A 63 -9.80 23.08 -28.58
N THR A 64 -9.69 24.09 -27.72
CA THR A 64 -10.34 24.04 -26.42
C THR A 64 -11.87 24.09 -26.57
N ALA A 65 -12.38 24.82 -27.57
CA ALA A 65 -13.81 24.78 -27.83
C ALA A 65 -14.29 23.39 -28.22
N LEU A 66 -13.56 22.75 -29.14
CA LEU A 66 -13.92 21.39 -29.51
C LEU A 66 -13.85 20.44 -28.30
N ALA A 67 -12.83 20.59 -27.46
CA ALA A 67 -12.71 19.69 -26.31
C ALA A 67 -13.87 19.88 -25.33
N ILE A 68 -14.26 21.12 -25.09
CA ILE A 68 -15.39 21.39 -24.20
C ILE A 68 -16.66 20.75 -24.73
N LEU A 69 -16.95 20.97 -26.02
CA LEU A 69 -18.17 20.38 -26.58
C LEU A 69 -18.11 18.87 -26.62
N GLY A 70 -16.93 18.30 -26.86
CA GLY A 70 -16.82 16.86 -26.88
C GLY A 70 -17.05 16.25 -25.51
N ALA A 71 -16.48 16.86 -24.46
CA ALA A 71 -16.64 16.33 -23.11
C ALA A 71 -18.08 16.42 -22.62
N GLY A 72 -18.81 17.45 -23.04
CA GLY A 72 -20.21 17.61 -22.67
C GLY A 72 -20.46 17.77 -21.18
N ALA A 73 -19.56 18.44 -20.46
CA ALA A 73 -19.68 18.58 -19.01
C ALA A 73 -20.52 19.79 -18.63
N GLU A 74 -21.26 19.66 -17.51
CA GLU A 74 -22.03 20.80 -17.01
C GLU A 74 -21.12 21.89 -16.47
N ARG A 75 -20.09 21.51 -15.75
CA ARG A 75 -19.19 22.46 -15.11
C ARG A 75 -17.84 22.44 -15.83
N VAL A 76 -17.41 23.60 -16.33
CA VAL A 76 -16.23 23.71 -17.18
C VAL A 76 -15.26 24.72 -16.57
N TYR A 77 -14.05 24.26 -16.26
CA TYR A 77 -12.98 25.09 -15.74
C TYR A 77 -11.92 25.28 -16.81
N VAL A 78 -11.37 26.48 -16.92
CA VAL A 78 -10.35 26.78 -17.92
C VAL A 78 -9.11 27.31 -17.23
N LEU A 79 -7.99 26.58 -17.37
CA LEU A 79 -6.72 26.98 -16.80
C LEU A 79 -5.98 27.77 -17.87
N HIS A 80 -5.93 29.09 -17.72
CA HIS A 80 -5.30 29.97 -18.69
C HIS A 80 -4.18 30.73 -18.04
N THR A 81 -3.40 31.43 -18.87
CA THR A 81 -2.32 32.30 -18.45
C THR A 81 -2.73 33.75 -18.63
N PRO A 82 -1.98 34.70 -18.05
CA PRO A 82 -2.26 36.11 -18.35
C PRO A 82 -2.28 36.39 -19.84
N GLU A 83 -1.49 35.68 -20.64
CA GLU A 83 -1.45 35.94 -22.08
C GLU A 83 -2.61 35.32 -22.85
N SER A 84 -3.14 34.18 -22.39
CA SER A 84 -4.26 33.55 -23.09
C SER A 84 -5.62 33.99 -22.56
N ALA A 85 -5.65 34.86 -21.56
CA ALA A 85 -6.91 35.30 -20.98
C ALA A 85 -7.80 35.98 -22.03
N ARG A 86 -7.21 36.77 -22.92
CA ARG A 86 -8.01 37.47 -23.93
C ARG A 86 -8.83 36.56 -24.84
N PHE A 87 -8.67 35.24 -24.75
CA PHE A 87 -9.43 34.32 -25.59
C PHE A 87 -10.67 33.80 -24.89
N LEU A 88 -10.85 34.13 -23.61
CA LEU A 88 -11.99 33.60 -22.86
C LEU A 88 -13.35 34.02 -23.44
N PRO A 89 -13.57 35.28 -23.82
CA PRO A 89 -14.87 35.63 -24.44
C PRO A 89 -15.25 34.76 -25.64
N ARG A 90 -14.35 34.58 -26.60
CA ARG A 90 -14.67 33.80 -27.79
C ARG A 90 -14.97 32.35 -27.44
N LEU A 91 -14.18 31.77 -26.52
CA LEU A 91 -14.46 30.42 -26.06
C LEU A 91 -15.86 30.31 -25.46
N ARG A 92 -16.33 31.36 -24.79
CA ARG A 92 -17.69 31.36 -24.29
C ARG A 92 -18.70 31.29 -25.44
N GLN A 93 -18.45 32.06 -26.50
CA GLN A 93 -19.43 32.09 -27.57
C GLN A 93 -19.45 30.76 -28.32
N ASP A 94 -18.28 30.18 -28.59
CA ASP A 94 -18.24 28.96 -29.40
C ASP A 94 -18.93 27.82 -28.67
N THR A 95 -18.64 27.67 -27.37
CA THR A 95 -19.18 26.56 -26.59
C THR A 95 -20.55 26.88 -26.01
N GLY A 96 -20.84 28.15 -25.73
CA GLY A 96 -22.10 28.47 -25.10
C GLY A 96 -22.17 28.06 -23.66
N LYS A 97 -21.03 27.97 -22.99
CA LYS A 97 -20.92 27.48 -21.62
C LYS A 97 -20.48 28.62 -20.71
N ASP A 98 -20.88 28.56 -19.44
CA ASP A 98 -20.31 29.43 -18.42
C ASP A 98 -18.96 28.88 -17.98
N LEU A 99 -17.91 29.64 -18.24
CA LEU A 99 -16.55 29.19 -18.01
C LEU A 99 -16.08 29.64 -16.64
N TYR A 100 -15.37 28.77 -15.94
CA TYR A 100 -14.76 29.13 -14.67
C TYR A 100 -13.26 29.28 -14.87
N PRO A 101 -12.74 30.50 -15.00
CA PRO A 101 -11.33 30.67 -15.33
C PRO A 101 -10.43 30.64 -14.10
N VAL A 102 -9.27 30.03 -14.29
CA VAL A 102 -8.23 29.95 -13.26
C VAL A 102 -6.91 30.34 -13.90
N GLU A 103 -6.26 31.36 -13.35
CA GLU A 103 -5.00 31.84 -13.92
C GLU A 103 -3.80 31.07 -13.38
N ILE A 104 -2.83 30.86 -14.26
CA ILE A 104 -1.61 30.13 -13.96
C ILE A 104 -0.50 30.67 -14.85
N GLY A 105 0.74 30.55 -14.41
CA GLY A 105 1.86 30.80 -15.29
C GLY A 105 1.99 29.72 -16.34
N LYS A 106 2.61 30.07 -17.46
CA LYS A 106 2.64 29.13 -18.60
C LYS A 106 3.61 27.96 -18.40
N SER A 107 4.53 28.06 -17.45
CA SER A 107 5.42 26.94 -17.12
C SER A 107 5.33 26.52 -15.66
N ASP A 108 4.33 27.02 -14.92
CA ASP A 108 4.20 26.80 -13.47
C ASP A 108 3.50 25.47 -13.20
N VAL A 109 4.29 24.41 -13.23
CA VAL A 109 3.69 23.09 -13.15
C VAL A 109 3.14 22.85 -11.74
N GLU A 110 3.84 23.34 -10.72
CA GLU A 110 3.30 23.31 -9.36
C GLU A 110 1.90 23.92 -9.30
N ALA A 111 1.68 25.02 -10.03
CA ALA A 111 0.37 25.67 -10.05
C ALA A 111 -0.70 24.78 -10.69
N ILE A 112 -0.36 24.09 -11.78
CA ILE A 112 -1.25 23.07 -12.35
C ILE A 112 -1.64 22.05 -11.29
N TYR A 113 -0.63 21.48 -10.61
CA TYR A 113 -0.92 20.45 -9.62
C TYR A 113 -1.85 20.97 -8.53
N ARG A 114 -1.55 22.17 -7.99
CA ARG A 114 -2.36 22.77 -6.94
C ARG A 114 -3.80 22.99 -7.38
N GLU A 115 -4.00 23.56 -8.58
CA GLU A 115 -5.35 23.89 -8.98
C GLU A 115 -6.15 22.62 -9.31
N VAL A 116 -5.50 21.64 -9.95
CA VAL A 116 -6.18 20.37 -10.18
C VAL A 116 -6.60 19.75 -8.84
N LYS A 117 -5.71 19.83 -7.84
CA LYS A 117 -6.04 19.25 -6.54
C LYS A 117 -7.24 19.95 -5.91
N ARG A 118 -7.28 21.28 -6.01
CA ARG A 118 -8.42 22.03 -5.48
C ARG A 118 -9.71 21.66 -6.19
N LEU A 119 -9.65 21.44 -7.50
CA LEU A 119 -10.86 21.16 -8.25
C LEU A 119 -11.35 19.74 -7.99
N LEU A 120 -10.43 18.79 -7.83
CA LEU A 120 -10.86 17.43 -7.47
C LEU A 120 -11.44 17.41 -6.07
N GLU A 121 -10.85 18.15 -5.13
CA GLU A 121 -11.48 18.29 -3.80
C GLU A 121 -12.87 18.88 -3.91
N LYS A 122 -13.08 19.81 -4.84
CA LYS A 122 -14.43 20.36 -5.02
C LYS A 122 -15.39 19.38 -5.72
N HIS A 123 -14.86 18.39 -6.46
CA HIS A 123 -15.69 17.48 -7.26
C HIS A 123 -15.20 16.05 -7.07
N PRO A 124 -15.28 15.53 -5.83
CA PRO A 124 -14.50 14.33 -5.48
C PRO A 124 -15.07 13.01 -5.96
N GLU A 125 -16.34 12.96 -6.38
CA GLU A 125 -16.96 11.66 -6.62
C GLU A 125 -17.58 11.57 -8.02
N VAL A 126 -17.20 12.46 -8.93
CA VAL A 126 -17.86 12.55 -10.24
C VAL A 126 -16.79 12.34 -11.30
N PRO A 127 -17.17 11.90 -12.50
CA PRO A 127 -16.16 11.77 -13.58
C PRO A 127 -15.71 13.15 -14.04
N VAL A 128 -14.40 13.32 -14.20
CA VAL A 128 -13.81 14.61 -14.50
C VAL A 128 -12.84 14.41 -15.66
N ALA A 129 -12.95 15.27 -16.67
CA ALA A 129 -12.05 15.24 -17.83
C ALA A 129 -11.02 16.36 -17.71
N LEU A 130 -9.75 16.00 -17.89
CA LEU A 130 -8.66 16.95 -17.90
C LEU A 130 -8.16 17.03 -19.34
N ASP A 131 -8.50 18.11 -20.02
CA ASP A 131 -8.17 18.30 -21.43
C ASP A 131 -6.86 19.08 -21.57
N LEU A 132 -5.86 18.45 -22.18
CA LEU A 132 -4.54 19.02 -22.29
C LEU A 132 -4.22 19.58 -23.68
N THR A 133 -5.21 19.70 -24.56
CA THR A 133 -4.92 19.97 -25.98
C THR A 133 -4.20 21.30 -26.20
N SER A 134 -4.72 22.38 -25.61
CA SER A 134 -4.18 23.72 -25.86
C SER A 134 -3.25 24.14 -24.73
N GLY A 135 -2.16 24.84 -25.08
CA GLY A 135 -1.24 25.42 -24.11
C GLY A 135 0.21 25.06 -24.41
N THR A 136 1.10 25.56 -23.55
CA THR A 136 2.49 25.15 -23.69
C THR A 136 2.63 23.67 -23.37
N LYS A 137 3.79 23.12 -23.73
CA LYS A 137 4.09 21.74 -23.37
C LYS A 137 4.15 21.55 -21.86
N ALA A 138 4.67 22.55 -21.15
CA ALA A 138 4.68 22.45 -19.69
C ALA A 138 3.28 22.37 -19.12
N MET A 139 2.35 23.14 -19.69
CA MET A 139 0.95 23.12 -19.25
C MET A 139 0.28 21.79 -19.58
N SER A 140 0.41 21.35 -20.83
CA SER A 140 -0.20 20.09 -21.25
C SER A 140 0.38 18.90 -20.49
N ALA A 141 1.71 18.80 -20.44
CA ALA A 141 2.33 17.70 -19.72
C ALA A 141 2.04 17.78 -18.23
N GLY A 142 2.01 18.99 -17.67
CA GLY A 142 1.64 19.14 -16.29
C GLY A 142 0.23 18.64 -16.02
N LEU A 143 -0.71 18.96 -16.91
CA LEU A 143 -2.08 18.50 -16.71
C LEU A 143 -2.17 16.98 -16.82
N ALA A 144 -1.54 16.38 -17.82
CA ALA A 144 -1.52 14.91 -17.94
C ALA A 144 -0.91 14.27 -16.70
N ALA A 145 0.25 14.78 -16.26
CA ALA A 145 0.93 14.20 -15.11
C ALA A 145 0.08 14.34 -13.85
N ALA A 146 -0.54 15.49 -13.67
CA ALA A 146 -1.47 15.68 -12.56
C ALA A 146 -2.62 14.69 -12.63
N GLY A 147 -3.20 14.52 -13.82
CA GLY A 147 -4.30 13.60 -13.99
C GLY A 147 -3.94 12.18 -13.61
N PHE A 148 -2.85 11.66 -14.17
CA PHE A 148 -2.49 10.28 -13.91
C PHE A 148 -2.06 10.09 -12.46
N PHE A 149 -1.37 11.08 -11.88
CA PHE A 149 -1.04 11.00 -10.46
C PHE A 149 -2.30 10.94 -9.60
N PHE A 150 -3.25 11.85 -9.85
CA PHE A 150 -4.42 11.95 -8.99
C PHE A 150 -5.41 10.84 -9.21
N GLN A 151 -5.34 10.13 -10.35
CA GLN A 151 -6.18 8.96 -10.54
C GLN A 151 -6.06 7.96 -9.38
N ARG A 152 -4.89 7.87 -8.77
CA ARG A 152 -4.72 6.99 -7.60
C ARG A 152 -5.76 7.27 -6.53
N PHE A 153 -6.10 8.54 -6.34
CA PHE A 153 -6.97 8.98 -5.26
C PHE A 153 -8.35 9.38 -5.73
N TYR A 154 -8.48 9.72 -7.02
CA TYR A 154 -9.73 10.11 -7.67
C TYR A 154 -9.88 9.23 -8.91
N PRO A 155 -10.41 8.02 -8.75
CA PRO A 155 -10.42 7.07 -9.88
C PRO A 155 -11.26 7.51 -11.08
N LYS A 156 -12.17 8.47 -10.94
CA LYS A 156 -13.02 8.86 -12.05
C LYS A 156 -12.40 9.96 -12.91
N VAL A 157 -11.16 10.38 -12.61
CA VAL A 157 -10.48 11.34 -13.48
C VAL A 157 -10.05 10.65 -14.76
N ARG A 158 -10.19 11.36 -15.89
CA ARG A 158 -9.65 10.92 -17.17
C ARG A 158 -8.89 12.05 -17.84
N VAL A 159 -7.79 11.72 -18.51
CA VAL A 159 -7.04 12.69 -19.30
C VAL A 159 -7.52 12.57 -20.74
N VAL A 160 -7.87 13.70 -21.37
CA VAL A 160 -8.43 13.70 -22.72
C VAL A 160 -7.67 14.65 -23.63
N TYR A 161 -7.87 14.45 -24.93
CA TYR A 161 -7.04 15.08 -25.95
C TYR A 161 -7.79 15.10 -27.26
N VAL A 162 -7.83 16.26 -27.92
CA VAL A 162 -8.37 16.38 -29.27
C VAL A 162 -7.28 15.94 -30.25
N ASP A 163 -7.33 14.68 -30.65
CA ASP A 163 -6.45 14.06 -31.63
C ASP A 163 -6.94 14.38 -33.05
N ASN A 164 -6.17 13.92 -34.04
CA ASN A 164 -6.57 14.11 -35.44
C ASN A 164 -5.93 13.02 -36.29
N GLU A 165 -6.48 12.84 -37.50
CA GLU A 165 -5.93 11.90 -38.47
C GLU A 165 -4.74 12.51 -39.22
N ASP A 166 -4.86 13.78 -39.58
CA ASP A 166 -3.85 14.49 -40.33
C ASP A 166 -3.79 15.92 -39.83
N TYR A 167 -2.58 16.47 -39.82
CA TYR A 167 -2.31 17.84 -39.40
C TYR A 167 -1.38 18.47 -40.41
N ASP A 168 -1.79 19.62 -40.94
CA ASP A 168 -1.02 20.32 -41.96
C ASP A 168 -0.04 21.27 -41.28
N PRO A 169 1.26 20.99 -41.33
CA PRO A 169 2.22 21.77 -40.52
C PRO A 169 2.42 23.18 -41.03
N GLU A 170 2.16 23.43 -42.32
CA GLU A 170 2.17 24.78 -42.86
C GLU A 170 1.01 25.61 -42.34
N LEU A 171 -0.21 25.05 -42.39
CA LEU A 171 -1.38 25.74 -41.86
C LEU A 171 -1.48 25.65 -40.34
N ARG A 172 -0.71 24.78 -39.71
CA ARG A 172 -0.78 24.52 -38.25
C ARG A 172 -2.22 24.23 -37.81
N ARG A 173 -2.92 23.40 -38.58
CA ARG A 173 -4.32 23.04 -38.33
C ARG A 173 -4.51 21.56 -38.62
N PRO A 174 -5.29 20.86 -37.81
CA PRO A 174 -5.73 19.52 -38.22
C PRO A 174 -6.57 19.64 -39.50
N ARG A 175 -6.54 18.59 -40.31
CA ARG A 175 -7.46 18.55 -41.46
C ARG A 175 -8.88 18.47 -40.92
N ALA A 176 -9.72 19.43 -41.33
CA ALA A 176 -11.03 19.61 -40.74
C ALA A 176 -11.87 18.33 -40.80
N GLY A 177 -12.49 17.98 -39.68
CA GLY A 177 -13.31 16.80 -39.62
C GLY A 177 -12.57 15.53 -39.28
N THR A 178 -11.25 15.58 -39.18
CA THR A 178 -10.49 14.45 -38.69
C THR A 178 -10.17 14.57 -37.20
N GLU A 179 -10.52 15.69 -36.56
CA GLU A 179 -10.37 15.79 -35.11
C GLU A 179 -11.28 14.81 -34.40
N LYS A 180 -10.81 14.29 -33.26
CA LYS A 180 -11.63 13.43 -32.42
C LYS A 180 -11.12 13.52 -30.98
N LEU A 181 -12.05 13.59 -30.02
CA LEU A 181 -11.67 13.61 -28.62
C LEU A 181 -11.43 12.18 -28.12
N ARG A 182 -10.26 11.95 -27.53
CA ARG A 182 -9.76 10.65 -27.13
C ARG A 182 -9.39 10.69 -25.65
N ILE A 183 -9.53 9.55 -24.98
CA ILE A 183 -8.95 9.36 -23.65
C ILE A 183 -7.50 8.92 -23.82
N LEU A 184 -6.58 9.59 -23.14
CA LEU A 184 -5.20 9.12 -23.11
C LEU A 184 -5.01 8.15 -21.96
N PRO A 185 -4.54 6.93 -22.23
CA PRO A 185 -4.47 5.92 -21.16
C PRO A 185 -3.32 6.20 -20.20
N ASN A 186 -3.52 5.82 -18.94
CA ASN A 186 -2.42 6.00 -18.02
C ASN A 186 -1.40 4.88 -18.24
N PRO A 187 -0.13 5.11 -17.89
CA PRO A 187 0.88 4.09 -18.20
C PRO A 187 0.65 2.77 -17.50
N HIS A 188 0.04 2.77 -16.32
CA HIS A 188 -0.27 1.50 -15.66
C HIS A 188 -1.21 0.65 -16.52
N GLU A 189 -2.30 1.26 -17.01
CA GLU A 189 -3.31 0.50 -17.74
C GLU A 189 -2.92 0.20 -19.19
N ALA A 190 -1.94 0.90 -19.75
CA ALA A 190 -1.54 0.70 -21.14
C ALA A 190 -0.46 -0.36 -21.29
N LEU A 191 0.39 -0.53 -20.27
CA LEU A 191 1.50 -1.46 -20.27
C LEU A 191 1.21 -2.60 -19.29
N ALA A 192 0.90 -3.78 -19.82
CA ALA A 192 0.66 -4.93 -18.93
C ALA A 192 1.87 -5.21 -18.05
N GLU A 193 3.06 -5.35 -18.67
CA GLU A 193 4.22 -5.92 -18.00
C GLU A 193 4.62 -5.18 -16.73
N VAL A 194 4.25 -3.91 -16.59
CA VAL A 194 4.67 -3.15 -15.42
C VAL A 194 4.15 -3.81 -14.14
N ASP A 195 3.06 -4.58 -14.22
CA ASP A 195 2.55 -5.22 -13.01
C ASP A 195 3.61 -6.07 -12.32
N ALA A 196 4.53 -6.68 -13.07
CA ALA A 196 5.62 -7.42 -12.44
C ALA A 196 6.43 -6.53 -11.51
N LEU A 197 6.83 -5.35 -12.00
CA LEU A 197 7.56 -4.44 -11.12
C LEU A 197 6.79 -4.18 -9.84
N PHE A 198 5.47 -3.94 -9.94
CA PHE A 198 4.68 -3.75 -8.73
C PHE A 198 4.72 -4.99 -7.86
N ALA A 199 4.49 -6.16 -8.47
CA ALA A 199 4.55 -7.40 -7.71
C ALA A 199 5.90 -7.53 -7.02
N LYS A 200 6.98 -7.26 -7.76
CA LYS A 200 8.30 -7.44 -7.21
C LYS A 200 8.52 -6.48 -6.06
N GLU A 201 7.94 -5.28 -6.16
CA GLU A 201 8.00 -4.34 -5.06
C GLU A 201 7.27 -4.89 -3.85
N LEU A 202 6.04 -5.36 -4.06
CA LEU A 202 5.23 -5.84 -2.93
C LEU A 202 5.86 -7.08 -2.30
N TYR A 203 6.28 -8.02 -3.14
CA TYR A 203 7.01 -9.18 -2.66
C TYR A 203 8.21 -8.79 -1.82
N GLY A 204 8.92 -7.73 -2.23
CA GLY A 204 10.09 -7.31 -1.48
C GLY A 204 9.76 -6.76 -0.12
N LYS A 205 8.57 -6.17 0.04
CA LYS A 205 8.10 -5.71 1.34
C LYS A 205 7.30 -6.77 2.09
N GLY A 206 7.28 -8.02 1.62
CA GLY A 206 6.54 -9.03 2.35
C GLY A 206 5.04 -8.98 2.19
N GLU A 207 4.52 -8.19 1.25
CA GLU A 207 3.07 -8.13 1.02
C GLU A 207 2.74 -9.20 0.00
N PHE A 208 2.72 -10.45 0.48
CA PHE A 208 2.70 -11.59 -0.42
C PHE A 208 1.35 -11.75 -1.11
N GLY A 209 0.26 -11.43 -0.41
CA GLY A 209 -1.06 -11.53 -1.04
C GLY A 209 -1.22 -10.60 -2.22
N GLN A 210 -0.84 -9.33 -2.04
CA GLN A 210 -0.92 -8.37 -3.13
C GLN A 210 0.05 -8.72 -4.26
N ALA A 211 1.23 -9.23 -3.92
CA ALA A 211 2.18 -9.65 -4.95
C ALA A 211 1.59 -10.76 -5.79
N ALA A 212 1.02 -11.77 -5.14
CA ALA A 212 0.33 -12.84 -5.85
C ALA A 212 -0.76 -12.29 -6.76
N ALA A 213 -1.55 -11.34 -6.25
CA ALA A 213 -2.64 -10.77 -7.05
C ALA A 213 -2.10 -10.11 -8.32
N TYR A 214 -1.03 -9.32 -8.19
CA TYR A 214 -0.44 -8.72 -9.38
C TYR A 214 0.13 -9.77 -10.33
N PHE A 215 0.73 -10.84 -9.80
CA PHE A 215 1.26 -11.89 -10.67
C PHE A 215 0.12 -12.58 -11.45
N ARG A 216 -0.98 -12.87 -10.76
CA ARG A 216 -2.16 -13.41 -11.41
C ARG A 216 -2.64 -12.50 -12.53
N GLY A 217 -2.75 -11.19 -12.24
CA GLY A 217 -3.10 -10.23 -13.29
C GLY A 217 -2.22 -10.35 -14.51
N MET A 218 -0.90 -10.38 -14.30
CA MET A 218 0.03 -10.48 -15.42
C MET A 218 -0.24 -11.71 -16.28
N VAL A 219 -0.55 -12.84 -15.64
CA VAL A 219 -0.79 -14.06 -16.42
C VAL A 219 -1.83 -13.81 -17.50
N GLY A 220 -2.92 -13.13 -17.14
CA GLY A 220 -3.98 -12.88 -18.10
C GLY A 220 -3.60 -11.84 -19.14
N ARG A 221 -3.03 -10.71 -18.69
CA ARG A 221 -2.82 -9.60 -19.61
C ARG A 221 -1.70 -9.88 -20.62
N THR A 222 -0.72 -10.67 -20.24
CA THR A 222 0.26 -11.22 -21.14
C THR A 222 -0.15 -12.65 -21.50
N GLY A 223 0.60 -13.28 -22.40
CA GLY A 223 0.21 -14.67 -22.60
C GLY A 223 0.83 -15.64 -21.61
N ASN A 224 1.60 -15.13 -20.66
CA ASN A 224 2.76 -15.84 -20.12
C ASN A 224 2.41 -16.50 -18.79
N GLN A 225 2.27 -17.82 -18.82
CA GLN A 225 2.01 -18.58 -17.61
C GLN A 225 3.19 -18.60 -16.65
N ALA A 226 4.35 -18.07 -17.07
CA ALA A 226 5.49 -17.94 -16.17
C ALA A 226 5.09 -17.23 -14.89
N TYR A 227 4.31 -16.15 -15.01
CA TYR A 227 3.92 -15.40 -13.83
C TYR A 227 3.03 -16.21 -12.90
N ALA A 228 2.32 -17.22 -13.41
CA ALA A 228 1.53 -18.08 -12.54
C ALA A 228 2.44 -18.74 -11.51
N LEU A 229 3.64 -19.13 -11.92
CA LEU A 229 4.59 -19.73 -10.98
C LEU A 229 4.95 -18.74 -9.89
N TYR A 230 5.25 -17.49 -10.28
CA TYR A 230 5.49 -16.44 -9.29
C TYR A 230 4.30 -16.29 -8.38
N ALA A 231 3.08 -16.34 -8.95
CA ALA A 231 1.91 -16.21 -8.10
C ALA A 231 1.88 -17.31 -7.04
N LEU A 232 2.17 -18.55 -7.44
CA LEU A 232 2.17 -19.65 -6.49
C LEU A 232 3.19 -19.43 -5.40
N LEU A 233 4.39 -18.97 -5.78
CA LEU A 233 5.42 -18.74 -4.79
C LEU A 233 4.94 -17.73 -3.76
N ALA A 234 4.33 -16.63 -4.24
CA ALA A 234 3.87 -15.61 -3.31
C ALA A 234 2.76 -16.19 -2.42
N GLU A 235 1.88 -17.01 -3.01
CA GLU A 235 0.80 -17.60 -2.22
C GLU A 235 1.38 -18.54 -1.17
N MET A 236 2.46 -19.22 -1.51
CA MET A 236 3.05 -20.13 -0.54
C MET A 236 3.56 -19.33 0.67
N TYR A 237 4.26 -18.21 0.41
CA TYR A 237 4.74 -17.41 1.54
C TYR A 237 3.58 -16.78 2.28
N ARG A 238 2.53 -16.38 1.56
CA ARG A 238 1.40 -15.79 2.25
C ARG A 238 0.86 -16.80 3.27
N ALA A 239 0.66 -18.03 2.80
CA ALA A 239 0.06 -19.03 3.68
C ALA A 239 1.01 -19.37 4.81
N TRP A 240 2.31 -19.38 4.51
CA TRP A 240 3.29 -19.71 5.53
C TRP A 240 3.30 -18.68 6.65
N ARG A 241 3.26 -17.39 6.29
CA ARG A 241 3.32 -16.33 7.29
C ARG A 241 2.07 -16.32 8.15
N ALA A 242 0.96 -16.78 7.57
CA ALA A 242 -0.32 -16.89 8.25
C ALA A 242 -0.44 -18.18 9.03
N LEU A 243 0.63 -18.97 9.08
CA LEU A 243 0.66 -20.26 9.79
C LEU A 243 -0.37 -21.23 9.23
N ASP A 244 -0.65 -21.13 7.93
CA ASP A 244 -1.52 -22.12 7.27
C ASP A 244 -0.61 -23.07 6.52
N PHE A 245 -0.03 -24.02 7.25
CA PHE A 245 1.01 -24.87 6.69
C PHE A 245 0.48 -25.82 5.64
N GLY A 246 -0.77 -26.29 5.79
CA GLY A 246 -1.36 -27.11 4.76
C GLY A 246 -1.48 -26.38 3.42
N GLU A 247 -2.00 -25.16 3.43
CA GLU A 247 -2.12 -24.44 2.17
C GLU A 247 -0.76 -24.06 1.62
N ALA A 248 0.17 -23.70 2.51
CA ALA A 248 1.51 -23.34 2.04
C ALA A 248 2.16 -24.54 1.34
N LEU A 249 2.02 -25.72 1.94
CA LEU A 249 2.58 -26.93 1.35
C LEU A 249 1.90 -27.27 0.03
N LYS A 250 0.58 -27.10 -0.06
CA LYS A 250 -0.10 -27.34 -1.34
C LYS A 250 0.47 -26.44 -2.44
N ALA A 251 0.63 -25.14 -2.17
CA ALA A 251 1.15 -24.24 -3.20
C ALA A 251 2.60 -24.59 -3.55
N GLY A 252 3.42 -24.88 -2.54
CA GLY A 252 4.82 -25.19 -2.78
C GLY A 252 5.00 -26.45 -3.60
N ARG A 253 4.15 -27.46 -3.34
CA ARG A 253 4.24 -28.69 -4.12
C ARG A 253 3.77 -28.47 -5.55
N LYS A 254 2.67 -27.74 -5.73
CA LYS A 254 2.25 -27.44 -7.10
C LYS A 254 3.34 -26.69 -7.86
N LEU A 255 3.99 -25.72 -7.18
CA LEU A 255 5.04 -24.93 -7.80
C LEU A 255 6.24 -25.79 -8.19
N LEU A 256 6.70 -26.62 -7.27
CA LEU A 256 7.80 -27.52 -7.58
C LEU A 256 7.46 -28.44 -8.75
N GLY A 257 6.22 -28.94 -8.80
CA GLY A 257 5.84 -29.83 -9.88
C GLY A 257 5.80 -29.12 -11.23
N GLN A 258 5.42 -27.85 -11.23
CA GLN A 258 5.45 -27.09 -12.48
C GLN A 258 6.88 -26.73 -12.88
N LEU A 259 7.72 -26.34 -11.93
CA LEU A 259 9.13 -26.06 -12.21
C LEU A 259 9.88 -27.28 -12.75
N SER A 260 9.34 -28.49 -12.58
CA SER A 260 9.93 -29.72 -13.11
C SER A 260 9.54 -30.03 -14.55
N GLN A 261 8.49 -29.38 -15.07
CA GLN A 261 8.09 -29.61 -16.45
C GLN A 261 9.12 -29.01 -17.41
N ASN A 262 9.17 -29.58 -18.63
CA ASN A 262 10.20 -29.17 -19.60
C ASN A 262 10.11 -27.69 -19.92
N VAL A 263 8.88 -27.20 -20.12
CA VAL A 263 8.66 -25.81 -20.51
C VAL A 263 9.33 -24.81 -19.57
N TRP A 264 9.41 -25.14 -18.28
CA TRP A 264 9.86 -24.16 -17.28
C TRP A 264 11.29 -24.35 -16.81
N LEU A 265 12.08 -25.22 -17.46
CA LEU A 265 13.46 -25.43 -17.04
C LEU A 265 14.26 -24.12 -17.00
N ASN A 266 13.91 -23.15 -17.85
CA ASN A 266 14.56 -21.84 -17.86
C ASN A 266 13.81 -20.78 -17.08
N HIS A 267 12.79 -21.16 -16.31
CA HIS A 267 12.15 -20.19 -15.43
C HIS A 267 13.19 -19.65 -14.46
N PRO A 268 13.18 -18.34 -14.18
CA PRO A 268 14.15 -17.77 -13.23
C PRO A 268 14.11 -18.40 -11.85
N LEU A 269 12.94 -18.88 -11.40
CA LEU A 269 12.89 -19.50 -10.07
C LEU A 269 13.76 -20.74 -9.98
N ASN A 270 13.94 -21.46 -11.09
CA ASN A 270 14.83 -22.61 -11.05
C ASN A 270 16.26 -22.25 -10.67
N ALA A 271 16.64 -20.96 -10.71
CA ALA A 271 17.96 -20.58 -10.22
C ALA A 271 18.08 -20.74 -8.72
N ARG A 272 16.96 -20.63 -7.99
CA ARG A 272 16.91 -20.78 -6.55
C ARG A 272 16.28 -22.11 -6.14
N ARG A 273 16.31 -23.08 -7.06
CA ARG A 273 15.58 -24.34 -6.92
C ARG A 273 15.90 -25.00 -5.58
N GLU A 274 17.19 -25.12 -5.27
CA GLU A 274 17.62 -25.80 -4.05
C GLU A 274 16.92 -25.19 -2.84
N ALA A 275 16.92 -23.86 -2.74
CA ALA A 275 16.32 -23.20 -1.60
C ALA A 275 14.83 -23.50 -1.54
N LEU A 276 14.16 -23.40 -2.69
CA LEU A 276 12.73 -23.72 -2.73
C LEU A 276 12.50 -25.14 -2.25
N GLU A 277 13.30 -26.09 -2.75
CA GLU A 277 13.07 -27.48 -2.37
C GLU A 277 13.16 -27.60 -0.86
N ALA A 278 14.16 -26.92 -0.28
CA ALA A 278 14.37 -27.03 1.15
C ALA A 278 13.20 -26.43 1.90
N GLN A 279 12.72 -25.27 1.44
CA GLN A 279 11.58 -24.66 2.12
C GLN A 279 10.37 -25.57 2.05
N VAL A 280 10.15 -26.23 0.91
CA VAL A 280 8.95 -27.06 0.82
C VAL A 280 9.09 -28.27 1.72
N ALA A 281 10.32 -28.80 1.86
CA ALA A 281 10.52 -29.93 2.77
C ALA A 281 10.27 -29.51 4.20
N LEU A 282 10.66 -28.28 4.56
CA LEU A 282 10.34 -27.79 5.90
C LEU A 282 8.84 -27.77 6.08
N LEU A 283 8.11 -27.26 5.08
CA LEU A 283 6.65 -27.20 5.19
C LEU A 283 6.08 -28.59 5.34
N GLU A 284 6.67 -29.56 4.63
CA GLU A 284 6.13 -30.91 4.73
C GLU A 284 6.35 -31.45 6.13
N ALA A 285 7.55 -31.20 6.68
CA ALA A 285 7.84 -31.68 8.03
C ALA A 285 6.91 -31.04 9.04
N VAL A 286 6.59 -29.75 8.84
CA VAL A 286 5.73 -29.10 9.82
C VAL A 286 4.33 -29.65 9.72
N ASP A 287 3.88 -29.87 8.49
CA ASP A 287 2.55 -30.44 8.31
C ASP A 287 2.49 -31.81 8.97
N ARG A 288 3.56 -32.59 8.83
CA ARG A 288 3.58 -33.89 9.48
C ARG A 288 3.47 -33.75 10.99
N PHE A 289 4.25 -32.83 11.56
CA PHE A 289 4.30 -32.67 13.01
C PHE A 289 2.96 -32.17 13.53
N LEU A 290 2.31 -31.27 12.77
CA LEU A 290 1.03 -30.75 13.22
C LEU A 290 -0.02 -31.86 13.25
N LYS A 291 0.09 -32.84 12.36
CA LYS A 291 -0.88 -33.93 12.42
C LYS A 291 -0.58 -34.86 13.59
N ALA A 292 0.70 -35.09 13.86
CA ALA A 292 1.09 -36.09 14.85
C ALA A 292 1.17 -35.54 16.26
N ARG A 293 1.54 -34.26 16.39
CA ARG A 293 1.63 -33.58 17.68
C ARG A 293 2.63 -34.29 18.60
N ASP A 294 3.70 -34.82 18.02
CA ASP A 294 4.60 -35.68 18.78
C ASP A 294 6.03 -35.21 18.58
N PHE A 295 6.75 -35.03 19.69
CA PHE A 295 8.05 -34.37 19.68
C PHE A 295 9.19 -35.28 19.25
N ALA A 296 8.90 -36.49 18.77
CA ALA A 296 9.94 -37.24 18.09
C ALA A 296 10.21 -36.70 16.70
N LEU A 297 9.30 -35.89 16.15
CA LEU A 297 9.41 -35.41 14.77
C LEU A 297 10.20 -34.10 14.79
N LYS A 298 11.53 -34.23 14.90
CA LYS A 298 12.39 -33.10 15.20
C LYS A 298 12.36 -32.04 14.10
N GLU A 299 12.27 -32.48 12.84
CA GLU A 299 12.27 -31.54 11.73
C GLU A 299 11.06 -30.61 11.80
N GLY A 300 9.90 -31.18 12.09
CA GLY A 300 8.70 -30.37 12.19
C GLY A 300 8.75 -29.42 13.37
N VAL A 301 9.30 -29.88 14.51
CA VAL A 301 9.47 -28.98 15.66
C VAL A 301 10.35 -27.81 15.28
N TYR A 302 11.49 -28.11 14.65
CA TYR A 302 12.37 -27.06 14.17
C TYR A 302 11.66 -26.10 13.23
N GLY A 303 10.91 -26.63 12.25
CA GLY A 303 10.28 -25.76 11.27
C GLY A 303 9.23 -24.86 11.88
N LEU A 304 8.46 -25.39 12.83
CA LEU A 304 7.40 -24.60 13.46
C LEU A 304 8.00 -23.55 14.38
N ALA A 305 9.00 -23.93 15.18
CA ALA A 305 9.63 -22.97 16.08
C ALA A 305 10.36 -21.88 15.30
N ARG A 306 11.07 -22.25 14.24
CA ARG A 306 11.73 -21.28 13.38
C ARG A 306 10.74 -20.27 12.79
N THR A 307 9.61 -20.76 12.26
CA THR A 307 8.57 -19.89 11.73
C THR A 307 8.06 -18.93 12.79
N LEU A 308 7.74 -19.46 13.98
CA LEU A 308 7.19 -18.60 15.02
C LEU A 308 8.19 -17.56 15.47
N LEU A 309 9.48 -17.94 15.58
CA LEU A 309 10.48 -16.96 15.98
C LEU A 309 10.66 -15.87 14.93
N HIS A 310 10.62 -16.24 13.65
CA HIS A 310 10.67 -15.25 12.59
C HIS A 310 9.52 -14.26 12.72
N LEU A 311 8.30 -14.77 12.93
CA LEU A 311 7.16 -13.87 13.09
C LEU A 311 7.30 -13.00 14.34
N ALA A 312 7.82 -13.56 15.42
CA ALA A 312 7.99 -12.80 16.66
C ALA A 312 8.97 -11.65 16.43
N GLN A 313 10.10 -11.93 15.78
CA GLN A 313 11.08 -10.90 15.48
C GLN A 313 10.46 -9.79 14.63
N GLU A 314 9.64 -10.19 13.66
CA GLU A 314 8.98 -9.22 12.79
C GLU A 314 7.99 -8.34 13.56
N ALA A 315 7.27 -8.91 14.53
CA ALA A 315 6.24 -8.19 15.27
C ALA A 315 6.76 -7.45 16.52
N LYS A 316 8.01 -7.65 16.92
CA LYS A 316 8.44 -7.27 18.27
C LYS A 316 8.24 -5.77 18.53
N GLU A 317 8.59 -4.92 17.56
CA GLU A 317 8.70 -3.49 17.82
C GLU A 317 7.34 -2.81 17.88
N GLU A 318 6.43 -3.16 16.98
CA GLU A 318 5.18 -2.44 16.84
C GLU A 318 3.96 -3.30 17.16
N ALA A 319 4.15 -4.55 17.55
CA ALA A 319 3.04 -5.42 17.89
C ALA A 319 3.51 -6.41 18.95
N ALA A 320 3.97 -5.88 20.10
CA ALA A 320 4.61 -6.74 21.08
C ALA A 320 3.65 -7.74 21.73
N VAL A 321 2.37 -7.44 21.81
CA VAL A 321 1.40 -8.40 22.35
C VAL A 321 1.40 -9.67 21.50
N LEU A 322 1.27 -9.51 20.19
CA LEU A 322 1.32 -10.61 19.25
C LEU A 322 2.70 -11.26 19.22
N ALA A 323 3.76 -10.44 19.22
CA ALA A 323 5.11 -10.97 19.23
C ALA A 323 5.34 -11.89 20.44
N ALA A 324 4.82 -11.49 21.60
CA ALA A 324 4.96 -12.34 22.78
C ALA A 324 4.25 -13.66 22.57
N LEU A 325 3.04 -13.61 22.00
CA LEU A 325 2.31 -14.85 21.73
C LEU A 325 3.14 -15.82 20.86
N TYR A 326 3.68 -15.32 19.74
CA TYR A 326 4.53 -16.14 18.87
C TYR A 326 5.79 -16.65 19.60
N ALA A 327 6.48 -15.75 20.31
CA ALA A 327 7.72 -16.14 20.95
C ALA A 327 7.50 -17.14 22.08
N TYR A 328 6.44 -16.98 22.87
CA TYR A 328 6.11 -17.96 23.90
C TYR A 328 5.85 -19.32 23.29
N ARG A 329 5.07 -19.38 22.20
CA ARG A 329 4.82 -20.69 21.62
C ARG A 329 6.11 -21.34 21.12
N ALA A 330 6.98 -20.54 20.49
CA ALA A 330 8.24 -21.08 19.97
C ALA A 330 9.09 -21.64 21.10
N LEU A 331 9.26 -20.84 22.16
CA LEU A 331 10.02 -21.30 23.32
C LEU A 331 9.39 -22.53 23.96
N GLU A 332 8.07 -22.54 24.12
CA GLU A 332 7.39 -23.71 24.69
C GLU A 332 7.70 -24.98 23.90
N LEU A 333 7.54 -24.92 22.57
CA LEU A 333 7.85 -26.07 21.74
C LEU A 333 9.28 -26.56 21.95
N LEU A 334 10.24 -25.63 21.96
CA LEU A 334 11.64 -26.03 22.09
C LEU A 334 11.92 -26.68 23.46
N LEU A 335 11.31 -26.14 24.52
CA LEU A 335 11.50 -26.75 25.83
C LEU A 335 10.85 -28.14 25.91
N GLN A 336 9.67 -28.30 25.29
CA GLN A 336 9.04 -29.62 25.26
C GLN A 336 9.86 -30.63 24.48
N GLU A 337 10.46 -30.19 23.37
CA GLU A 337 11.32 -31.09 22.62
C GLU A 337 12.51 -31.52 23.46
N ARG A 338 13.05 -30.61 24.26
CA ARG A 338 14.17 -30.96 25.10
C ARG A 338 13.75 -31.91 26.23
N LEU A 339 12.52 -31.81 26.71
CA LEU A 339 11.98 -32.81 27.63
C LEU A 339 11.90 -34.19 26.96
N ALA A 340 11.41 -34.22 25.72
CA ALA A 340 11.39 -35.46 24.95
C ALA A 340 12.80 -36.01 24.79
N LEU A 341 13.79 -35.14 24.59
CA LEU A 341 15.16 -35.55 24.32
C LEU A 341 15.77 -36.17 25.57
N LEU A 342 15.28 -35.76 26.73
CA LEU A 342 15.64 -36.34 28.01
C LEU A 342 14.97 -37.68 28.25
N GLY A 343 14.05 -38.08 27.38
CA GLY A 343 13.36 -39.33 27.57
C GLY A 343 12.11 -39.24 28.42
N ARG A 344 11.63 -38.05 28.70
CA ARG A 344 10.41 -37.87 29.46
C ARG A 344 9.29 -37.46 28.50
N ARG A 345 8.05 -37.66 28.95
CA ARG A 345 6.92 -37.29 28.11
C ARG A 345 6.80 -35.77 28.05
N ALA A 346 6.80 -35.24 26.83
CA ALA A 346 6.89 -33.80 26.64
C ALA A 346 5.60 -33.05 26.99
N GLU A 347 4.45 -33.74 27.02
CA GLU A 347 3.19 -33.09 27.31
C GLU A 347 2.63 -33.39 28.70
N ALA A 348 3.10 -34.45 29.36
CA ALA A 348 2.73 -34.73 30.74
C ALA A 348 3.87 -35.50 31.40
N PRO A 349 4.98 -34.82 31.69
CA PRO A 349 6.04 -35.49 32.45
C PRO A 349 5.48 -35.91 33.79
N GLY A 350 5.87 -37.09 34.24
CA GLY A 350 5.31 -37.61 35.46
C GLY A 350 6.24 -37.40 36.64
N LEU A 351 6.10 -36.25 37.30
CA LEU A 351 7.03 -35.90 38.37
C LEU A 351 6.73 -36.70 39.62
N SER A 352 7.73 -37.41 40.12
CA SER A 352 7.59 -38.01 41.44
C SER A 352 7.40 -36.94 42.50
N PRO A 353 6.90 -37.30 43.68
CA PRO A 353 6.84 -36.31 44.77
C PRO A 353 8.20 -35.74 45.15
N GLU A 354 9.26 -36.54 45.01
CA GLU A 354 10.61 -36.04 45.27
C GLU A 354 11.05 -35.03 44.20
N GLU A 355 10.77 -35.32 42.93
CA GLU A 355 11.06 -34.36 41.87
C GLU A 355 10.26 -33.08 42.04
N ALA A 356 8.99 -33.21 42.41
CA ALA A 356 8.16 -32.02 42.64
C ALA A 356 8.71 -31.17 43.76
N GLU A 357 9.15 -31.80 44.85
CA GLU A 357 9.74 -31.02 45.95
C GLU A 357 11.01 -30.31 45.50
N ALA A 358 11.90 -31.04 44.79
CA ALA A 358 13.13 -30.42 44.30
C ALA A 358 12.84 -29.25 43.36
N LEU A 359 11.83 -29.39 42.51
CA LEU A 359 11.50 -28.33 41.55
C LEU A 359 10.94 -27.11 42.28
N ARG A 360 10.10 -27.33 43.30
CA ARG A 360 9.61 -26.22 44.10
C ARG A 360 10.76 -25.47 44.78
N LYS A 361 11.74 -26.23 45.33
CA LYS A 361 12.92 -25.58 45.93
C LYS A 361 13.72 -24.77 44.90
N ALA A 362 13.98 -25.36 43.72
CA ALA A 362 14.77 -24.68 42.71
C ALA A 362 14.07 -23.40 42.22
N LEU A 363 12.75 -23.49 42.01
CA LEU A 363 11.99 -22.31 41.58
C LEU A 363 11.96 -21.24 42.66
N ALA A 364 11.87 -21.64 43.93
CA ALA A 364 11.89 -20.65 45.00
C ALA A 364 13.23 -19.94 45.07
N GLU A 365 14.33 -20.71 45.07
CA GLU A 365 15.67 -20.10 45.07
C GLU A 365 15.81 -19.15 43.90
N LEU A 366 15.22 -19.52 42.76
CA LEU A 366 15.29 -18.67 41.58
C LEU A 366 14.46 -17.40 41.75
N LEU A 367 13.17 -17.56 42.01
CA LEU A 367 12.21 -16.47 42.06
C LEU A 367 12.43 -15.53 43.23
N GLY A 368 13.25 -15.89 44.21
CA GLY A 368 13.40 -15.06 45.38
C GLY A 368 12.17 -15.07 46.27
N VAL A 369 11.49 -16.21 46.37
CA VAL A 369 10.39 -16.42 47.28
C VAL A 369 10.67 -17.67 48.10
N LEU A 370 9.80 -17.95 48.98
CA LEU A 370 9.88 -19.15 49.78
C LEU A 370 9.23 -20.32 49.03
N PRO A 371 9.68 -21.55 49.32
CA PRO A 371 9.08 -22.73 48.64
C PRO A 371 7.58 -22.84 48.78
N GLU A 372 7.00 -22.49 49.93
CA GLU A 372 5.55 -22.65 50.06
C GLU A 372 4.80 -21.69 49.15
N GLU A 373 5.43 -20.60 48.72
CA GLU A 373 4.77 -19.64 47.86
C GLU A 373 4.77 -20.08 46.39
N VAL A 374 5.46 -21.17 46.06
CA VAL A 374 5.46 -21.74 44.71
C VAL A 374 4.38 -22.81 44.63
N ARG A 375 3.47 -22.67 43.66
CA ARG A 375 2.48 -23.69 43.33
C ARG A 375 2.79 -24.27 41.95
N LEU A 376 2.76 -25.60 41.84
CA LEU A 376 3.04 -26.27 40.59
C LEU A 376 1.74 -26.67 39.92
N PRO A 377 1.33 -26.01 38.84
CA PRO A 377 0.09 -26.42 38.14
C PRO A 377 0.23 -27.81 37.54
N ALA A 378 -0.91 -28.37 37.14
CA ALA A 378 -0.90 -29.69 36.52
C ALA A 378 -0.16 -29.69 35.19
N LYS A 379 -0.19 -28.58 34.46
CA LYS A 379 0.66 -28.35 33.31
C LYS A 379 1.83 -27.47 33.72
N LEU A 380 3.05 -27.93 33.47
CA LEU A 380 4.22 -27.10 33.76
C LEU A 380 4.25 -25.84 32.92
N GLY A 381 4.39 -24.70 33.58
CA GLY A 381 4.65 -23.46 32.87
C GLY A 381 6.05 -23.45 32.27
N LEU A 382 6.33 -22.39 31.50
CA LEU A 382 7.64 -22.29 30.87
C LEU A 382 8.73 -22.26 31.91
N LEU A 383 8.54 -21.46 32.97
CA LEU A 383 9.58 -21.37 33.97
C LEU A 383 9.73 -22.69 34.71
N ASP A 384 8.61 -23.35 35.06
CA ASP A 384 8.67 -24.66 35.70
C ASP A 384 9.44 -25.65 34.83
N LEU A 385 9.11 -25.67 33.54
CA LEU A 385 9.75 -26.60 32.62
C LEU A 385 11.24 -26.31 32.48
N LEU A 386 11.61 -25.03 32.38
CA LEU A 386 13.02 -24.70 32.26
C LEU A 386 13.77 -25.14 33.52
N ALA A 387 13.21 -24.83 34.69
CA ALA A 387 13.88 -25.21 35.93
C ALA A 387 13.99 -26.72 36.05
N PHE A 388 12.95 -27.45 35.64
CA PHE A 388 12.99 -28.90 35.67
C PHE A 388 14.07 -29.47 34.75
N LEU A 389 14.17 -28.94 33.54
CA LEU A 389 15.23 -29.38 32.64
C LEU A 389 16.60 -29.13 33.26
N ARG A 390 16.77 -27.99 33.93
CA ARG A 390 18.04 -27.72 34.61
C ARG A 390 18.31 -28.73 35.72
N LEU A 391 17.29 -29.04 36.53
CA LEU A 391 17.45 -30.09 37.55
C LEU A 391 17.84 -31.43 36.95
N LYS A 392 17.28 -31.77 35.79
CA LYS A 392 17.57 -33.05 35.15
C LYS A 392 18.87 -33.04 34.36
N GLY A 393 19.65 -31.97 34.44
CA GLY A 393 20.97 -31.96 33.85
C GLY A 393 21.02 -31.52 32.40
N ASP A 394 19.97 -30.89 31.89
CA ASP A 394 20.03 -30.38 30.52
C ASP A 394 21.20 -29.40 30.38
N GLU A 395 22.09 -29.66 29.40
CA GLU A 395 23.35 -28.93 29.30
C GLU A 395 23.16 -27.51 28.74
N ALA A 396 22.42 -27.40 27.63
CA ALA A 396 22.10 -26.07 27.09
C ALA A 396 21.54 -25.15 28.18
N LEU A 397 20.51 -25.63 28.89
CA LEU A 397 19.88 -24.78 29.90
C LEU A 397 20.75 -24.67 31.14
N GLY A 398 21.55 -25.71 31.44
CA GLY A 398 22.48 -25.60 32.55
C GLY A 398 23.50 -24.49 32.37
N ARG A 399 23.77 -24.08 31.14
CA ARG A 399 24.72 -23.00 30.93
C ARG A 399 24.20 -21.61 31.29
N LEU A 400 22.90 -21.44 31.51
CA LEU A 400 22.39 -20.12 31.84
C LEU A 400 22.83 -19.72 33.23
N SER A 401 23.19 -18.45 33.41
CA SER A 401 23.60 -17.98 34.73
C SER A 401 22.37 -17.63 35.55
N LEU A 402 22.57 -17.54 36.87
CA LEU A 402 21.48 -17.11 37.74
C LEU A 402 21.01 -15.71 37.37
N ALA A 403 21.93 -14.81 37.03
CA ALA A 403 21.51 -13.47 36.64
C ALA A 403 20.64 -13.52 35.39
N GLU A 404 21.06 -14.31 34.39
CA GLU A 404 20.29 -14.43 33.16
C GLU A 404 18.89 -15.00 33.42
N LEU A 405 18.82 -16.03 34.27
CA LEU A 405 17.54 -16.66 34.59
C LEU A 405 16.62 -15.71 35.33
N ARG A 406 17.15 -14.97 36.31
CA ARG A 406 16.30 -14.01 36.99
C ARG A 406 15.87 -12.89 36.05
N GLY A 407 16.71 -12.55 35.09
CA GLY A 407 16.29 -11.56 34.09
C GLY A 407 15.17 -12.08 33.19
N LEU A 408 15.12 -13.38 32.97
CA LEU A 408 14.06 -13.99 32.16
C LEU A 408 12.81 -14.37 32.96
N ALA A 409 12.93 -14.44 34.30
CA ALA A 409 11.91 -15.11 35.12
C ALA A 409 10.53 -14.45 34.99
N GLY A 410 10.47 -13.12 34.97
CA GLY A 410 9.16 -12.46 34.86
C GLY A 410 8.44 -12.81 33.57
N ALA A 411 9.11 -12.62 32.44
CA ALA A 411 8.55 -13.02 31.15
C ALA A 411 8.17 -14.50 31.13
N LEU A 412 9.04 -15.37 31.67
CA LEU A 412 8.74 -16.80 31.63
C LEU A 412 7.51 -17.14 32.45
N LYS A 413 7.35 -16.51 33.61
CA LYS A 413 6.18 -16.73 34.45
C LYS A 413 4.91 -16.22 33.78
N GLY A 414 5.06 -15.28 32.84
CA GLY A 414 3.89 -14.68 32.19
C GLY A 414 3.38 -15.36 30.93
N ARG A 415 3.81 -16.60 30.68
CA ARG A 415 3.33 -17.37 29.52
C ARG A 415 1.81 -17.35 29.35
N ASN A 416 1.08 -17.68 30.40
CA ASN A 416 -0.37 -17.79 30.27
C ASN A 416 -1.08 -16.51 30.64
N SER A 417 -0.41 -15.61 31.34
CA SER A 417 -1.05 -14.36 31.71
C SER A 417 -0.94 -13.31 30.61
N ALA A 418 -0.33 -13.67 29.47
CA ALA A 418 -0.39 -12.85 28.27
C ALA A 418 -1.83 -12.50 27.90
N LEU A 419 -2.01 -11.27 27.41
CA LEU A 419 -3.33 -10.75 27.07
C LEU A 419 -4.07 -11.68 26.11
N LEU A 420 -3.37 -12.23 25.11
CA LEU A 420 -4.02 -13.05 24.10
C LEU A 420 -4.05 -14.53 24.48
N VAL A 421 -3.61 -14.88 25.68
CA VAL A 421 -3.79 -16.25 26.16
C VAL A 421 -4.91 -16.22 27.18
N HIS A 422 -4.59 -16.12 28.49
CA HIS A 422 -5.59 -16.13 29.54
C HIS A 422 -5.62 -14.88 30.41
N GLY A 423 -4.73 -13.93 30.21
CA GLY A 423 -4.55 -12.89 31.20
C GLY A 423 -4.69 -11.50 30.58
N PHE A 424 -3.93 -10.57 31.14
CA PHE A 424 -4.12 -9.15 30.86
C PHE A 424 -2.79 -8.45 30.63
N ASP A 425 -1.69 -9.21 30.56
CA ASP A 425 -0.36 -8.62 30.46
C ASP A 425 -0.16 -8.01 29.09
N VAL A 426 0.36 -6.79 29.08
CA VAL A 426 0.84 -6.13 27.87
C VAL A 426 2.35 -6.00 28.00
N PRO A 427 3.13 -6.76 27.24
CA PRO A 427 4.57 -6.85 27.51
C PRO A 427 5.40 -5.74 26.88
N SER A 428 6.61 -5.59 27.41
CA SER A 428 7.58 -4.73 26.77
C SER A 428 8.25 -5.48 25.62
N PRO A 429 8.60 -4.79 24.53
CA PRO A 429 9.42 -5.45 23.50
C PRO A 429 10.71 -6.03 24.06
N LYS A 430 11.18 -5.50 25.20
CA LYS A 430 12.40 -6.02 25.80
C LYS A 430 12.18 -7.42 26.37
N ALA A 431 10.99 -7.67 26.92
CA ALA A 431 10.70 -9.01 27.44
C ALA A 431 10.57 -10.03 26.31
N VAL A 432 9.93 -9.63 25.21
CA VAL A 432 9.88 -10.49 24.02
C VAL A 432 11.30 -10.78 23.55
N GLU A 433 12.15 -9.75 23.46
CA GLU A 433 13.53 -9.95 23.05
C GLU A 433 14.25 -11.00 23.89
N GLY A 434 14.06 -10.97 25.22
CA GLY A 434 14.67 -11.99 26.06
C GLY A 434 14.17 -13.40 25.75
N ILE A 435 12.85 -13.54 25.62
CA ILE A 435 12.26 -14.85 25.31
C ILE A 435 12.79 -15.36 23.97
N ALA A 436 12.78 -14.49 22.95
CA ALA A 436 13.20 -14.86 21.61
C ALA A 436 14.67 -15.22 21.55
N ARG A 437 15.51 -14.56 22.36
CA ARG A 437 16.94 -14.88 22.35
C ARG A 437 17.21 -16.24 23.02
N LEU A 438 16.49 -16.55 24.11
CA LEU A 438 16.57 -17.90 24.67
C LEU A 438 16.14 -18.97 23.66
N ALA A 439 14.97 -18.75 23.03
CA ALA A 439 14.49 -19.67 22.01
C ALA A 439 15.48 -19.83 20.87
N GLN A 440 16.08 -18.72 20.40
CA GLN A 440 17.04 -18.82 19.30
C GLN A 440 18.19 -19.74 19.65
N GLY A 441 18.72 -19.63 20.87
CA GLY A 441 19.79 -20.54 21.26
C GLY A 441 19.35 -22.01 21.24
N LEU A 442 18.14 -22.28 21.75
CA LEU A 442 17.66 -23.67 21.71
C LEU A 442 17.44 -24.14 20.27
N LEU A 443 16.97 -23.23 19.42
CA LEU A 443 16.76 -23.55 18.02
C LEU A 443 18.07 -23.91 17.35
N GLN A 444 19.14 -23.16 17.65
CA GLN A 444 20.45 -23.47 17.08
C GLN A 444 20.93 -24.84 17.51
N ASP A 445 20.62 -25.24 18.76
CA ASP A 445 20.97 -26.59 19.21
C ASP A 445 20.16 -27.65 18.45
N LEU A 446 18.86 -27.42 18.25
CA LEU A 446 18.03 -28.39 17.53
C LEU A 446 18.40 -28.49 16.04
N GLU A 447 18.88 -27.36 15.45
CA GLU A 447 19.31 -27.32 14.05
C GLU A 447 20.25 -28.47 13.73
N ALA A 448 21.22 -28.71 14.61
CA ALA A 448 22.21 -29.75 14.36
C ALA A 448 21.64 -31.16 14.45
N ARG A 449 20.47 -31.32 15.06
CA ARG A 449 19.87 -32.64 15.29
C ARG A 449 18.73 -32.94 14.32
N THR A 450 18.69 -32.26 13.19
CA THR A 450 17.57 -32.33 12.27
C THR A 450 18.09 -32.57 10.85
N ALA A 451 17.31 -33.28 10.05
CA ALA A 451 17.66 -33.56 8.66
C ALA A 451 17.49 -32.36 7.74
N LEU A 452 16.81 -31.30 8.18
CA LEU A 452 16.69 -30.10 7.35
C LEU A 452 17.98 -29.30 7.36
N GLY A 453 18.62 -29.19 8.52
CA GLY A 453 19.70 -28.24 8.69
C GLY A 453 19.14 -26.85 8.89
N PRO A 454 19.99 -25.83 8.70
CA PRO A 454 19.54 -24.44 8.85
C PRO A 454 18.77 -23.95 7.64
N LEU A 455 17.54 -23.48 7.87
CA LEU A 455 16.69 -22.91 6.82
C LEU A 455 15.97 -21.68 7.35
N SER A 456 15.69 -20.75 6.43
CA SER A 456 15.10 -19.44 6.66
C SER A 456 13.72 -19.33 6.02
N PRO A 457 12.73 -18.76 6.73
CA PRO A 457 11.46 -18.40 6.06
C PRO A 457 11.56 -17.17 5.16
N GLU A 458 12.78 -16.64 4.99
CA GLU A 458 12.96 -15.49 4.11
C GLU A 458 12.77 -15.89 2.65
N PRO A 459 12.05 -15.09 1.87
CA PRO A 459 11.69 -15.52 0.52
C PRO A 459 12.89 -15.52 -0.41
N VAL A 460 12.88 -16.48 -1.35
CA VAL A 460 13.94 -16.59 -2.34
C VAL A 460 13.86 -15.36 -3.24
N PRO A 461 14.97 -14.92 -3.82
CA PRO A 461 14.90 -13.83 -4.79
C PRO A 461 14.10 -14.24 -6.02
N LEU A 462 13.35 -13.28 -6.58
CA LEU A 462 12.55 -13.59 -7.76
C LEU A 462 13.41 -13.86 -8.98
N GLY A 463 14.57 -13.21 -9.08
CA GLY A 463 15.43 -13.46 -10.23
C GLY A 463 15.11 -12.65 -11.46
N PHE A 464 14.28 -11.62 -11.32
CA PHE A 464 14.15 -10.61 -12.35
C PHE A 464 14.23 -9.25 -11.68
N MET B 1 25.49 37.67 -26.30
CA MET B 1 24.11 37.66 -25.81
C MET B 1 23.39 38.95 -26.19
N GLU B 2 24.05 40.10 -25.95
CA GLU B 2 23.50 41.35 -26.44
C GLU B 2 23.66 41.46 -27.95
N ASP B 3 24.64 40.76 -28.52
CA ASP B 3 24.64 40.53 -29.97
C ASP B 3 23.37 39.80 -30.38
N LEU B 4 22.99 38.80 -29.58
CA LEU B 4 21.81 37.99 -29.89
C LEU B 4 20.53 38.80 -29.72
N ASP B 5 20.44 39.59 -28.64
CA ASP B 5 19.30 40.48 -28.46
C ASP B 5 19.22 41.55 -29.55
N ALA B 6 20.37 42.01 -30.07
CA ALA B 6 20.33 43.01 -31.12
C ALA B 6 19.87 42.39 -32.45
N LEU B 7 20.40 41.22 -32.79
CA LEU B 7 20.01 40.62 -34.06
C LEU B 7 18.60 40.03 -34.01
N TRP B 8 18.09 39.68 -32.83
CA TRP B 8 16.67 39.35 -32.71
C TRP B 8 15.80 40.50 -33.18
N GLU B 9 16.11 41.72 -32.75
CA GLU B 9 15.33 42.86 -33.19
C GLU B 9 15.54 43.12 -34.67
N ARG B 10 16.78 42.99 -35.16
CA ARG B 10 16.99 43.08 -36.61
C ARG B 10 16.10 42.12 -37.37
N TYR B 11 16.00 40.89 -36.88
CA TYR B 11 15.14 39.88 -37.50
C TYR B 11 13.67 40.29 -37.45
N ARG B 12 13.22 40.78 -36.30
CA ARG B 12 11.83 41.17 -36.14
C ARG B 12 11.46 42.26 -37.14
N GLU B 13 12.29 43.31 -37.23
CA GLU B 13 11.99 44.40 -38.14
C GLU B 13 12.11 43.95 -39.60
N ALA B 14 12.99 43.01 -39.90
CA ALA B 14 13.04 42.46 -41.25
C ALA B 14 11.78 41.65 -41.58
N VAL B 15 11.17 41.02 -40.57
CA VAL B 15 9.93 40.29 -40.81
C VAL B 15 8.77 41.24 -41.07
N ARG B 16 8.67 42.31 -40.26
CA ARG B 16 7.64 43.32 -40.50
C ARG B 16 7.79 44.02 -41.84
N ALA B 17 8.97 43.93 -42.47
CA ALA B 17 9.17 44.51 -43.79
C ALA B 17 8.63 43.64 -44.92
N GLY B 18 8.29 42.38 -44.62
CA GLY B 18 7.88 41.44 -45.64
C GLY B 18 8.78 40.23 -45.78
N GLY B 19 9.94 40.20 -45.11
CA GLY B 19 10.79 39.03 -45.16
C GLY B 19 10.07 37.80 -44.62
N ASN B 20 10.43 36.65 -45.18
CA ASN B 20 9.77 35.42 -44.79
C ASN B 20 10.16 35.08 -43.35
N PRO B 21 9.22 34.60 -42.52
CA PRO B 21 9.57 34.25 -41.13
C PRO B 21 10.59 33.12 -41.01
N GLN B 22 10.27 31.94 -41.54
CA GLN B 22 11.16 30.79 -41.37
C GLN B 22 12.52 31.02 -42.01
N ALA B 23 12.53 31.59 -43.23
CA ALA B 23 13.78 31.79 -43.94
C ALA B 23 14.71 32.72 -43.18
N LEU B 24 14.20 33.91 -42.82
CA LEU B 24 15.02 34.84 -42.06
C LEU B 24 15.39 34.30 -40.69
N TYR B 25 14.56 33.45 -40.08
CA TYR B 25 14.98 32.83 -38.82
C TYR B 25 16.21 31.95 -39.04
N GLN B 26 16.14 31.07 -40.06
CA GLN B 26 17.28 30.23 -40.40
C GLN B 26 18.52 31.04 -40.73
N GLU B 27 18.35 32.17 -41.41
CA GLU B 27 19.52 32.90 -41.92
C GLU B 27 20.14 33.83 -40.86
N MET B 28 19.30 34.57 -40.12
CA MET B 28 19.78 35.61 -39.22
C MET B 28 19.98 35.13 -37.79
N VAL B 29 19.08 34.31 -37.29
CA VAL B 29 18.96 34.00 -35.87
C VAL B 29 19.60 32.66 -35.52
N TRP B 30 19.21 31.60 -36.21
CA TRP B 30 19.54 30.24 -35.78
C TRP B 30 21.04 29.96 -35.72
N PRO B 31 21.89 30.43 -36.66
CA PRO B 31 23.33 30.19 -36.48
C PRO B 31 23.89 30.76 -35.18
N ALA B 32 23.49 31.97 -34.78
CA ALA B 32 24.03 32.53 -33.55
C ALA B 32 23.50 31.80 -32.31
N LEU B 33 22.19 31.50 -32.28
CA LEU B 33 21.62 30.77 -31.16
C LEU B 33 22.26 29.38 -31.02
N LEU B 34 22.42 28.68 -32.13
CA LEU B 34 23.08 27.38 -32.13
C LEU B 34 24.53 27.48 -31.67
N ALA B 35 25.28 28.48 -32.15
CA ALA B 35 26.66 28.64 -31.70
C ALA B 35 26.72 28.85 -30.20
N LEU B 36 25.82 29.68 -29.67
CA LEU B 36 25.75 29.90 -28.23
C LEU B 36 25.52 28.58 -27.49
N TRP B 37 24.61 27.74 -27.99
CA TRP B 37 24.32 26.51 -27.27
C TRP B 37 25.43 25.48 -27.41
N ARG B 38 26.18 25.53 -28.52
CA ARG B 38 27.37 24.68 -28.60
C ARG B 38 28.41 25.10 -27.57
N GLU B 39 28.83 26.38 -27.60
CA GLU B 39 29.82 26.86 -26.64
C GLU B 39 29.33 26.70 -25.20
N LYS B 40 28.08 27.06 -24.95
CA LYS B 40 27.58 27.29 -23.59
C LYS B 40 26.10 26.92 -23.56
N PRO B 41 25.77 25.71 -23.11
CA PRO B 41 24.36 25.32 -23.03
C PRO B 41 23.63 26.11 -21.94
N ARG B 42 22.44 26.61 -22.28
CA ARG B 42 21.59 27.31 -21.31
C ARG B 42 20.81 26.26 -20.53
N VAL B 43 21.44 25.73 -19.48
CA VAL B 43 20.89 24.58 -18.77
C VAL B 43 20.80 24.90 -17.29
N TYR B 44 19.63 24.65 -16.71
CA TYR B 44 19.44 24.68 -15.27
C TYR B 44 20.15 23.50 -14.62
N PRO B 45 20.64 23.66 -13.37
CA PRO B 45 21.16 22.50 -12.64
C PRO B 45 20.11 21.42 -12.42
N ALA B 49 24.10 16.06 -15.79
CA ALA B 49 24.45 14.82 -15.13
C ALA B 49 23.98 13.61 -15.93
N PHE B 50 23.63 13.79 -17.20
CA PHE B 50 22.87 12.79 -17.95
C PHE B 50 23.76 11.89 -18.78
N ALA B 51 23.48 10.59 -18.74
CA ALA B 51 24.17 9.61 -19.56
C ALA B 51 23.41 9.30 -20.84
N VAL B 52 22.09 9.44 -20.81
CA VAL B 52 21.21 9.16 -21.95
C VAL B 52 20.20 10.30 -22.02
N SER B 53 19.84 10.70 -23.23
CA SER B 53 18.71 11.61 -23.43
C SER B 53 17.79 11.02 -24.49
N VAL B 54 16.49 11.18 -24.26
CA VAL B 54 15.44 10.66 -25.13
C VAL B 54 14.55 11.84 -25.48
N HIS B 55 14.33 12.05 -26.79
CA HIS B 55 13.71 13.28 -27.28
C HIS B 55 12.57 12.95 -28.21
N THR B 56 11.39 13.49 -27.93
CA THR B 56 10.37 13.47 -28.96
C THR B 56 10.73 14.49 -30.04
N LEU B 57 10.30 14.21 -31.28
CA LEU B 57 10.63 15.04 -32.44
C LEU B 57 9.36 15.29 -33.24
N GLY B 58 8.93 16.54 -33.28
CA GLY B 58 7.79 16.97 -34.08
C GLY B 58 8.25 17.64 -35.35
N THR B 59 7.50 18.64 -35.78
CA THR B 59 7.77 19.29 -37.06
C THR B 59 8.81 20.40 -36.99
N SER B 60 9.36 20.72 -35.82
CA SER B 60 10.41 21.74 -35.73
C SER B 60 11.65 21.16 -35.06
N PRO B 61 12.73 20.91 -35.80
CA PRO B 61 13.92 20.31 -35.18
C PRO B 61 14.73 21.24 -34.28
N GLU B 62 14.51 22.56 -34.30
CA GLU B 62 15.44 23.43 -33.58
C GLU B 62 15.35 23.23 -32.06
N ALA B 63 14.13 23.12 -31.53
CA ALA B 63 13.97 22.89 -30.09
C ALA B 63 14.68 21.62 -29.66
N THR B 64 14.57 20.57 -30.47
CA THR B 64 15.18 19.29 -30.13
C THR B 64 16.70 19.37 -30.21
N ALA B 65 17.24 20.06 -31.22
CA ALA B 65 18.68 20.29 -31.26
C ALA B 65 19.16 20.97 -29.99
N LEU B 66 18.44 22.02 -29.55
CA LEU B 66 18.85 22.69 -28.33
C LEU B 66 18.78 21.75 -27.13
N ALA B 67 17.73 20.92 -27.04
CA ALA B 67 17.61 20.06 -25.87
C ALA B 67 18.69 18.97 -25.87
N ILE B 68 19.07 18.48 -27.05
CA ILE B 68 20.18 17.54 -27.16
C ILE B 68 21.47 18.19 -26.65
N LEU B 69 21.74 19.42 -27.09
CA LEU B 69 22.97 20.07 -26.62
C LEU B 69 22.91 20.38 -25.13
N GLY B 70 21.72 20.72 -24.62
CA GLY B 70 21.60 21.09 -23.22
C GLY B 70 21.71 19.92 -22.27
N ALA B 71 21.17 18.76 -22.67
CA ALA B 71 21.31 17.59 -21.81
C ALA B 71 22.73 17.04 -21.85
N GLY B 72 23.42 17.21 -22.98
CA GLY B 72 24.82 16.81 -23.08
C GLY B 72 25.05 15.34 -22.84
N ALA B 73 24.11 14.48 -23.24
CA ALA B 73 24.23 13.06 -22.99
C ALA B 73 25.10 12.40 -24.05
N GLU B 74 25.82 11.35 -23.64
CA GLU B 74 26.62 10.57 -24.56
C GLU B 74 25.74 9.82 -25.56
N ARG B 75 24.63 9.26 -25.07
CA ARG B 75 23.72 8.44 -25.86
C ARG B 75 22.42 9.22 -26.06
N VAL B 76 22.02 9.40 -27.32
CA VAL B 76 20.83 10.21 -27.65
C VAL B 76 19.86 9.36 -28.46
N TYR B 77 18.65 9.18 -27.93
CA TYR B 77 17.56 8.51 -28.64
C TYR B 77 16.56 9.56 -29.10
N VAL B 78 16.03 9.37 -30.31
CA VAL B 78 15.06 10.31 -30.87
C VAL B 78 13.79 9.53 -31.22
N LEU B 79 12.69 9.89 -30.55
CA LEU B 79 11.38 9.28 -30.77
C LEU B 79 10.70 10.16 -31.81
N HIS B 80 10.67 9.70 -33.04
CA HIS B 80 10.14 10.49 -34.14
C HIS B 80 9.00 9.72 -34.78
N THR B 81 8.27 10.41 -35.62
CA THR B 81 7.17 9.82 -36.36
C THR B 81 7.60 9.59 -37.80
N PRO B 82 6.80 8.87 -38.59
CA PRO B 82 7.08 8.80 -40.04
C PRO B 82 7.16 10.17 -40.68
N GLU B 83 6.39 11.14 -40.18
CA GLU B 83 6.39 12.48 -40.72
C GLU B 83 7.60 13.31 -40.29
N SER B 84 8.14 13.12 -39.08
CA SER B 84 9.23 13.97 -38.64
C SER B 84 10.60 13.34 -38.85
N ALA B 85 10.66 12.13 -39.41
CA ALA B 85 11.94 11.52 -39.76
C ALA B 85 12.76 12.42 -40.67
N ARG B 86 12.10 13.22 -41.52
CA ARG B 86 12.81 14.11 -42.44
C ARG B 86 13.76 15.05 -41.73
N PHE B 87 13.58 15.29 -40.44
CA PHE B 87 14.42 16.23 -39.71
C PHE B 87 15.62 15.58 -39.03
N LEU B 88 15.77 14.25 -39.11
CA LEU B 88 16.95 13.65 -38.49
C LEU B 88 18.25 14.14 -39.12
N PRO B 89 18.39 14.30 -40.44
CA PRO B 89 19.64 14.87 -40.96
C PRO B 89 20.01 16.21 -40.35
N ARG B 90 19.05 17.15 -40.27
CA ARG B 90 19.33 18.43 -39.64
C ARG B 90 19.77 18.26 -38.20
N LEU B 91 19.07 17.40 -37.44
CA LEU B 91 19.52 17.13 -36.07
C LEU B 91 20.95 16.65 -36.05
N ARG B 92 21.32 15.77 -36.98
CA ARG B 92 22.69 15.28 -36.98
C ARG B 92 23.66 16.42 -37.24
N GLN B 93 23.29 17.33 -38.13
CA GLN B 93 24.28 18.32 -38.53
C GLN B 93 24.37 19.44 -37.52
N ASP B 94 23.28 19.72 -36.79
CA ASP B 94 23.32 20.76 -35.78
C ASP B 94 23.92 20.29 -34.45
N THR B 95 23.77 19.00 -34.08
CA THR B 95 24.29 18.55 -32.79
C THR B 95 25.62 17.82 -32.88
N GLY B 96 26.00 17.33 -34.07
CA GLY B 96 27.17 16.48 -34.13
C GLY B 96 27.04 15.15 -33.40
N LYS B 97 25.84 14.76 -33.03
CA LYS B 97 25.63 13.53 -32.26
C LYS B 97 25.20 12.37 -33.16
N ASP B 98 25.67 11.17 -32.79
CA ASP B 98 25.02 9.95 -33.23
C ASP B 98 23.60 9.90 -32.69
N LEU B 99 22.63 9.66 -33.56
CA LEU B 99 21.24 9.59 -33.14
C LEU B 99 20.79 8.13 -33.21
N TYR B 100 20.09 7.67 -32.17
CA TYR B 100 19.47 6.36 -32.28
C TYR B 100 17.98 6.58 -32.44
N PRO B 101 17.45 6.49 -33.65
CA PRO B 101 16.04 6.83 -33.88
C PRO B 101 15.11 5.66 -33.61
N VAL B 102 13.93 5.99 -33.11
CA VAL B 102 12.86 5.04 -32.84
C VAL B 102 11.59 5.67 -33.42
N GLU B 103 10.98 4.99 -34.39
CA GLU B 103 9.77 5.51 -35.01
C GLU B 103 8.54 5.11 -34.21
N ILE B 104 7.64 6.08 -34.04
CA ILE B 104 6.40 5.89 -33.29
C ILE B 104 5.31 6.64 -34.05
N GLY B 105 4.07 6.22 -33.83
CA GLY B 105 2.95 7.02 -34.28
C GLY B 105 2.79 8.27 -33.44
N LYS B 106 2.25 9.33 -34.06
CA LYS B 106 2.25 10.63 -33.42
C LYS B 106 1.32 10.74 -32.22
N SER B 107 0.32 9.85 -32.10
CA SER B 107 -0.52 9.84 -30.90
C SER B 107 -0.65 8.44 -30.32
N ASP B 108 0.31 7.57 -30.60
CA ASP B 108 0.36 6.22 -30.05
C ASP B 108 1.06 6.30 -28.70
N VAL B 109 0.30 6.73 -27.70
CA VAL B 109 0.87 6.93 -26.37
C VAL B 109 1.37 5.63 -25.77
N GLU B 110 0.63 4.53 -26.01
CA GLU B 110 1.10 3.22 -25.55
C GLU B 110 2.49 2.90 -26.10
N ALA B 111 2.74 3.23 -27.37
CA ALA B 111 4.05 2.93 -27.93
C ALA B 111 5.12 3.78 -27.28
N ILE B 112 4.81 5.05 -26.97
CA ILE B 112 5.74 5.87 -26.19
C ILE B 112 6.07 5.17 -24.88
N TYR B 113 5.04 4.73 -24.17
CA TYR B 113 5.26 4.05 -22.90
C TYR B 113 6.17 2.85 -23.07
N ARG B 114 5.91 2.06 -24.11
CA ARG B 114 6.63 0.81 -24.33
C ARG B 114 8.10 1.10 -24.67
N GLU B 115 8.35 2.13 -25.48
CA GLU B 115 9.70 2.50 -25.86
C GLU B 115 10.47 3.07 -24.67
N VAL B 116 9.82 3.88 -23.84
CA VAL B 116 10.48 4.35 -22.62
C VAL B 116 10.82 3.16 -21.72
N LYS B 117 9.90 2.21 -21.57
CA LYS B 117 10.21 1.01 -20.78
C LYS B 117 11.45 0.30 -21.30
N ARG B 118 11.49 0.03 -22.60
CA ARG B 118 12.59 -0.69 -23.24
C ARG B 118 13.90 0.06 -23.04
N LEU B 119 13.87 1.39 -23.18
CA LEU B 119 15.09 2.18 -23.06
C LEU B 119 15.59 2.22 -21.63
N LEU B 120 14.68 2.37 -20.65
CA LEU B 120 15.10 2.35 -19.26
C LEU B 120 15.63 0.98 -18.86
N GLU B 121 15.05 -0.09 -19.41
CA GLU B 121 15.61 -1.41 -19.14
C GLU B 121 16.96 -1.61 -19.81
N LYS B 122 17.25 -0.86 -20.86
CA LYS B 122 18.57 -0.88 -21.48
C LYS B 122 19.59 -0.04 -20.71
N HIS B 123 19.13 0.96 -19.94
CA HIS B 123 19.99 1.91 -19.23
C HIS B 123 19.45 2.07 -17.81
N PRO B 124 19.53 1.01 -17.00
CA PRO B 124 18.69 0.96 -15.79
C PRO B 124 19.21 1.75 -14.60
N GLU B 125 20.48 2.13 -14.57
CA GLU B 125 21.02 2.74 -13.36
C GLU B 125 21.85 3.97 -13.66
N VAL B 126 21.53 4.68 -14.74
CA VAL B 126 22.23 5.91 -15.10
C VAL B 126 21.20 7.03 -15.17
N PRO B 127 21.60 8.28 -15.00
CA PRO B 127 20.67 9.41 -15.22
C PRO B 127 20.22 9.49 -16.67
N VAL B 128 18.91 9.64 -16.86
CA VAL B 128 18.28 9.66 -18.19
C VAL B 128 17.38 10.89 -18.28
N ALA B 129 17.56 11.68 -19.34
CA ALA B 129 16.71 12.85 -19.57
C ALA B 129 15.65 12.50 -20.60
N LEU B 130 14.39 12.79 -20.28
CA LEU B 130 13.25 12.55 -21.16
C LEU B 130 12.75 13.92 -21.60
N ASP B 131 13.13 14.34 -22.81
CA ASP B 131 12.86 15.69 -23.31
C ASP B 131 11.58 15.68 -24.13
N LEU B 132 10.57 16.44 -23.69
CA LEU B 132 9.26 16.43 -24.33
C LEU B 132 8.98 17.68 -25.14
N THR B 133 10.00 18.48 -25.45
CA THR B 133 9.73 19.80 -26.01
C THR B 133 9.01 19.73 -27.36
N SER B 134 9.46 18.84 -28.23
CA SER B 134 8.97 18.83 -29.60
C SER B 134 8.02 17.65 -29.79
N GLY B 135 7.02 17.84 -30.65
CA GLY B 135 6.06 16.80 -30.95
C GLY B 135 4.63 17.23 -30.66
N THR B 136 3.72 16.28 -30.88
CA THR B 136 2.33 16.50 -30.57
C THR B 136 2.14 16.55 -29.05
N LYS B 137 1.00 17.09 -28.61
CA LYS B 137 0.68 17.02 -27.18
C LYS B 137 0.63 15.58 -26.71
N ALA B 138 0.16 14.66 -27.55
CA ALA B 138 0.13 13.26 -27.17
C ALA B 138 1.56 12.75 -26.94
N MET B 139 2.49 13.09 -27.85
CA MET B 139 3.86 12.61 -27.66
C MET B 139 4.48 13.21 -26.39
N SER B 140 4.33 14.53 -26.20
CA SER B 140 4.96 15.21 -25.07
C SER B 140 4.35 14.76 -23.75
N ALA B 141 3.02 14.74 -23.68
CA ALA B 141 2.36 14.31 -22.47
C ALA B 141 2.61 12.83 -22.19
N GLY B 142 2.68 12.00 -23.24
CA GLY B 142 2.99 10.60 -23.05
C GLY B 142 4.40 10.41 -22.52
N LEU B 143 5.35 11.20 -23.01
CA LEU B 143 6.71 11.07 -22.51
C LEU B 143 6.79 11.50 -21.06
N ALA B 144 6.15 12.63 -20.70
CA ALA B 144 6.15 13.07 -19.31
C ALA B 144 5.49 12.04 -18.41
N ALA B 145 4.32 11.55 -18.81
CA ALA B 145 3.62 10.58 -18.00
C ALA B 145 4.46 9.33 -17.79
N ALA B 146 5.09 8.84 -18.86
CA ALA B 146 5.95 7.67 -18.73
C ALA B 146 7.10 7.96 -17.77
N GLY B 147 7.69 9.15 -17.86
CA GLY B 147 8.79 9.49 -16.97
C GLY B 147 8.39 9.51 -15.51
N PHE B 148 7.29 10.18 -15.19
CA PHE B 148 6.89 10.26 -13.79
C PHE B 148 6.42 8.91 -13.27
N PHE B 149 5.79 8.11 -14.12
CA PHE B 149 5.43 6.75 -13.72
C PHE B 149 6.68 5.93 -13.40
N PHE B 150 7.68 5.96 -14.29
CA PHE B 150 8.83 5.07 -14.14
C PHE B 150 9.85 5.54 -13.11
N GLN B 151 9.83 6.82 -12.72
CA GLN B 151 10.71 7.24 -11.63
C GLN B 151 10.54 6.37 -10.38
N ARG B 152 9.36 5.78 -10.17
CA ARG B 152 9.17 4.86 -9.06
C ARG B 152 10.21 3.75 -9.05
N PHE B 153 10.53 3.23 -10.24
CA PHE B 153 11.43 2.09 -10.42
C PHE B 153 12.78 2.47 -10.99
N TYR B 154 12.89 3.65 -11.60
CA TYR B 154 14.12 4.17 -12.19
C TYR B 154 14.28 5.60 -11.67
N PRO B 155 14.73 5.75 -10.42
CA PRO B 155 14.73 7.08 -9.79
C PRO B 155 15.67 8.07 -10.43
N LYS B 156 16.60 7.65 -11.29
CA LYS B 156 17.48 8.63 -11.92
C LYS B 156 16.88 9.26 -13.17
N VAL B 157 15.64 8.91 -13.53
CA VAL B 157 14.99 9.50 -14.69
C VAL B 157 14.55 10.92 -14.37
N ARG B 158 14.70 11.81 -15.35
CA ARG B 158 14.22 13.19 -15.23
C ARG B 158 13.48 13.57 -16.50
N VAL B 159 12.38 14.31 -16.34
CA VAL B 159 11.65 14.89 -17.47
C VAL B 159 12.14 16.31 -17.66
N VAL B 160 12.52 16.65 -18.90
CA VAL B 160 13.10 17.96 -19.16
C VAL B 160 12.36 18.68 -20.29
N TYR B 161 12.62 19.98 -20.40
CA TYR B 161 11.80 20.86 -21.22
C TYR B 161 12.63 22.09 -21.61
N VAL B 162 12.61 22.46 -22.88
CA VAL B 162 13.22 23.73 -23.26
C VAL B 162 12.20 24.83 -23.01
N ASP B 163 12.24 25.41 -21.82
CA ASP B 163 11.40 26.52 -21.45
C ASP B 163 11.91 27.77 -22.15
N ASN B 164 11.08 28.81 -22.17
CA ASN B 164 11.34 29.98 -23.00
C ASN B 164 10.44 31.10 -22.51
N GLU B 165 10.55 32.28 -23.12
CA GLU B 165 9.90 33.45 -22.52
C GLU B 165 8.94 34.18 -23.44
N ASP B 166 9.34 34.50 -24.66
CA ASP B 166 8.53 35.44 -25.43
C ASP B 166 7.96 34.77 -26.67
N TYR B 167 7.22 33.69 -26.45
CA TYR B 167 6.73 32.92 -27.58
C TYR B 167 5.86 33.81 -28.45
N ASP B 168 6.29 33.99 -29.70
CA ASP B 168 5.54 34.77 -30.68
C ASP B 168 4.61 33.81 -31.41
N PRO B 169 3.29 33.91 -31.22
CA PRO B 169 2.39 32.99 -31.93
C PRO B 169 2.46 33.09 -33.45
N GLU B 170 2.71 34.29 -33.99
CA GLU B 170 2.94 34.43 -35.43
C GLU B 170 4.19 33.66 -35.85
N LEU B 171 5.35 34.03 -35.28
CA LEU B 171 6.61 33.40 -35.65
C LEU B 171 6.65 31.93 -35.26
N ARG B 172 5.78 31.48 -34.36
CA ARG B 172 5.76 30.10 -33.83
C ARG B 172 7.11 29.71 -33.22
N ARG B 173 7.81 30.69 -32.63
CA ARG B 173 9.10 30.48 -31.98
C ARG B 173 9.22 31.43 -30.79
N PRO B 174 9.99 31.08 -29.78
CA PRO B 174 10.27 32.05 -28.71
C PRO B 174 11.39 33.00 -29.10
N ARG B 175 11.55 34.05 -28.29
CA ARG B 175 12.64 34.99 -28.49
C ARG B 175 13.99 34.32 -28.30
N ALA B 176 14.85 34.44 -29.30
CA ALA B 176 16.16 33.80 -29.25
C ALA B 176 16.93 34.28 -28.04
N GLY B 177 17.61 33.34 -27.38
CA GLY B 177 18.36 33.63 -26.19
C GLY B 177 17.59 33.44 -24.90
N THR B 178 16.26 33.35 -24.95
CA THR B 178 15.49 33.09 -23.74
C THR B 178 15.31 31.62 -23.47
N GLU B 179 15.76 30.74 -24.37
CA GLU B 179 15.56 29.32 -24.17
C GLU B 179 16.44 28.81 -23.03
N LYS B 180 15.92 27.84 -22.29
CA LYS B 180 16.65 27.28 -21.16
C LYS B 180 16.10 25.88 -20.89
N LEU B 181 17.00 24.89 -20.87
CA LEU B 181 16.60 23.53 -20.56
C LEU B 181 16.46 23.35 -19.05
N ARG B 182 15.32 22.83 -18.62
CA ARG B 182 15.11 22.64 -17.18
C ARG B 182 14.27 21.40 -16.91
N ILE B 183 14.30 20.98 -15.66
CA ILE B 183 13.63 19.78 -15.20
C ILE B 183 12.20 20.12 -14.82
N LEU B 184 11.25 19.35 -15.34
CA LEU B 184 9.86 19.46 -14.93
C LEU B 184 9.65 18.57 -13.73
N PRO B 185 9.24 19.09 -12.57
CA PRO B 185 9.15 18.24 -11.37
C PRO B 185 7.92 17.34 -11.39
N ASN B 186 8.06 16.18 -10.75
CA ASN B 186 6.92 15.31 -10.57
C ASN B 186 6.01 15.86 -9.45
N PRO B 187 4.76 15.41 -9.38
CA PRO B 187 3.83 15.97 -8.37
C PRO B 187 4.26 15.83 -6.91
N HIS B 188 4.86 14.70 -6.49
CA HIS B 188 5.29 14.61 -5.09
C HIS B 188 6.38 15.64 -4.82
N GLU B 189 7.34 15.73 -5.73
CA GLU B 189 8.40 16.73 -5.63
C GLU B 189 7.83 18.14 -5.64
N ALA B 190 6.83 18.39 -6.50
CA ALA B 190 6.41 19.76 -6.75
C ALA B 190 5.45 20.28 -5.68
N LEU B 191 4.50 19.47 -5.22
CA LEU B 191 3.41 19.96 -4.37
C LEU B 191 3.45 19.18 -3.07
N ALA B 192 3.73 19.87 -1.95
CA ALA B 192 4.00 19.16 -0.69
C ALA B 192 2.74 18.51 -0.12
N GLU B 193 1.59 19.20 -0.20
CA GLU B 193 0.41 18.69 0.47
C GLU B 193 -0.04 17.33 -0.08
N VAL B 194 0.46 16.90 -1.25
CA VAL B 194 0.07 15.58 -1.76
C VAL B 194 0.56 14.45 -0.85
N ASP B 195 1.59 14.70 -0.03
CA ASP B 195 1.99 13.70 0.97
C ASP B 195 0.80 13.30 1.86
N ALA B 196 -0.04 14.27 2.22
CA ALA B 196 -1.21 13.95 3.02
C ALA B 196 -2.04 12.86 2.36
N LEU B 197 -2.15 12.90 1.04
CA LEU B 197 -2.95 11.90 0.33
C LEU B 197 -2.41 10.50 0.57
N PHE B 198 -1.08 10.35 0.46
CA PHE B 198 -0.47 9.05 0.76
C PHE B 198 -0.77 8.65 2.19
N ALA B 199 -0.59 9.58 3.14
CA ALA B 199 -0.87 9.25 4.52
C ALA B 199 -2.33 8.83 4.68
N LYS B 200 -3.24 9.59 4.05
CA LYS B 200 -4.66 9.27 4.18
C LYS B 200 -4.95 7.91 3.58
N GLU B 201 -4.32 7.59 2.46
CA GLU B 201 -4.56 6.27 1.87
C GLU B 201 -4.16 5.18 2.84
N LEU B 202 -2.97 5.31 3.44
CA LEU B 202 -2.51 4.25 4.34
C LEU B 202 -3.42 4.17 5.55
N TYR B 203 -3.92 5.31 6.01
CA TYR B 203 -4.83 5.32 7.15
C TYR B 203 -6.10 4.56 6.80
N GLY B 204 -6.62 4.76 5.59
CA GLY B 204 -7.86 4.09 5.21
C GLY B 204 -7.69 2.60 5.01
N LYS B 205 -6.45 2.14 4.84
CA LYS B 205 -6.13 0.73 4.74
C LYS B 205 -5.81 0.09 6.09
N GLY B 206 -5.92 0.83 7.19
CA GLY B 206 -5.52 0.28 8.48
C GLY B 206 -4.01 0.19 8.67
N GLU B 207 -3.22 0.80 7.80
CA GLU B 207 -1.77 0.82 7.95
C GLU B 207 -1.38 2.04 8.80
N PHE B 208 -1.73 1.97 10.08
CA PHE B 208 -1.67 3.18 10.90
C PHE B 208 -0.23 3.57 11.23
N GLY B 209 0.66 2.59 11.40
CA GLY B 209 2.05 2.92 11.66
C GLY B 209 2.70 3.64 10.49
N GLN B 210 2.46 3.15 9.28
CA GLN B 210 3.00 3.82 8.11
C GLN B 210 2.37 5.19 7.92
N ALA B 211 1.08 5.31 8.20
CA ALA B 211 0.42 6.61 8.11
C ALA B 211 1.04 7.61 9.07
N ALA B 212 1.27 7.18 10.31
CA ALA B 212 1.92 8.04 11.29
C ALA B 212 3.30 8.46 10.81
N ALA B 213 4.07 7.51 10.27
CA ALA B 213 5.40 7.84 9.75
C ALA B 213 5.30 8.90 8.65
N TYR B 214 4.32 8.78 7.76
CA TYR B 214 4.17 9.78 6.70
C TYR B 214 3.81 11.15 7.26
N PHE B 215 2.87 11.21 8.20
CA PHE B 215 2.53 12.50 8.82
C PHE B 215 3.73 13.11 9.54
N ARG B 216 4.47 12.31 10.30
CA ARG B 216 5.64 12.83 11.00
C ARG B 216 6.70 13.34 10.00
N GLY B 217 6.89 12.60 8.90
CA GLY B 217 7.77 13.07 7.85
C GLY B 217 7.30 14.35 7.19
N MET B 218 5.98 14.56 7.11
CA MET B 218 5.49 15.81 6.56
C MET B 218 5.84 16.99 7.46
N VAL B 219 5.72 16.80 8.77
CA VAL B 219 6.15 17.86 9.68
C VAL B 219 7.65 18.11 9.51
N GLY B 220 8.43 17.04 9.29
CA GLY B 220 9.84 17.23 8.98
C GLY B 220 10.10 17.98 7.70
N ARG B 221 9.26 17.77 6.68
CA ARG B 221 9.43 18.41 5.37
C ARG B 221 9.04 19.89 5.40
N THR B 222 7.85 20.20 5.94
CA THR B 222 7.27 21.53 5.84
C THR B 222 7.20 22.31 7.14
N GLY B 223 7.39 21.66 8.29
CA GLY B 223 7.15 22.30 9.57
C GLY B 223 5.70 22.55 9.93
N ASN B 224 4.75 22.02 9.17
CA ASN B 224 3.33 22.25 9.46
C ASN B 224 2.92 21.33 10.62
N GLN B 225 2.75 21.91 11.81
CA GLN B 225 2.41 21.12 13.00
C GLN B 225 1.00 20.54 12.96
N ALA B 226 0.15 20.96 12.03
CA ALA B 226 -1.16 20.30 11.92
C ALA B 226 -1.00 18.80 11.68
N TYR B 227 0.03 18.41 10.91
CA TYR B 227 0.22 16.99 10.67
C TYR B 227 0.76 16.24 11.86
N ALA B 228 1.35 16.92 12.85
CA ALA B 228 1.70 16.22 14.08
C ALA B 228 0.44 15.72 14.78
N LEU B 229 -0.65 16.48 14.72
CA LEU B 229 -1.87 16.01 15.35
C LEU B 229 -2.40 14.80 14.60
N TYR B 230 -2.29 14.82 13.26
CA TYR B 230 -2.69 13.64 12.52
C TYR B 230 -1.79 12.48 12.86
N ALA B 231 -0.49 12.74 13.04
CA ALA B 231 0.39 11.63 13.41
C ALA B 231 -0.06 11.02 14.74
N LEU B 232 -0.41 11.89 15.71
CA LEU B 232 -0.83 11.37 17.01
C LEU B 232 -2.04 10.46 16.84
N LEU B 233 -3.00 10.88 16.01
CA LEU B 233 -4.19 10.07 15.81
C LEU B 233 -3.83 8.71 15.24
N ALA B 234 -2.98 8.70 14.20
CA ALA B 234 -2.62 7.43 13.58
C ALA B 234 -1.88 6.57 14.58
N GLU B 235 -1.05 7.20 15.43
CA GLU B 235 -0.32 6.48 16.46
C GLU B 235 -1.28 5.87 17.47
N MET B 236 -2.36 6.60 17.78
CA MET B 236 -3.33 6.08 18.72
C MET B 236 -3.93 4.79 18.17
N TYR B 237 -4.32 4.80 16.88
CA TYR B 237 -4.92 3.61 16.32
C TYR B 237 -3.88 2.52 16.17
N ARG B 238 -2.64 2.87 15.82
CA ARG B 238 -1.62 1.83 15.75
C ARG B 238 -1.58 1.07 17.07
N ALA B 239 -1.52 1.84 18.15
CA ALA B 239 -1.35 1.22 19.45
C ALA B 239 -2.60 0.43 19.82
N TRP B 240 -3.77 0.97 19.49
CA TRP B 240 -5.00 0.29 19.87
C TRP B 240 -5.11 -1.04 19.14
N ARG B 241 -4.75 -1.04 17.84
CA ARG B 241 -4.91 -2.25 17.05
C ARG B 241 -3.90 -3.31 17.49
N ALA B 242 -2.80 -2.87 18.08
CA ALA B 242 -1.79 -3.76 18.63
C ALA B 242 -2.08 -4.12 20.09
N LEU B 243 -3.22 -3.69 20.62
CA LEU B 243 -3.65 -4.03 21.97
C LEU B 243 -2.73 -3.41 23.01
N ASP B 244 -2.07 -2.31 22.68
CA ASP B 244 -1.27 -1.56 23.66
C ASP B 244 -2.10 -0.37 24.12
N PHE B 245 -3.02 -0.65 25.05
CA PHE B 245 -4.01 0.34 25.47
C PHE B 245 -3.36 1.48 26.24
N GLY B 246 -2.28 1.23 26.98
CA GLY B 246 -1.60 2.33 27.65
C GLY B 246 -1.02 3.35 26.67
N GLU B 247 -0.30 2.86 25.65
CA GLU B 247 0.23 3.78 24.65
C GLU B 247 -0.89 4.46 23.86
N ALA B 248 -1.96 3.72 23.54
CA ALA B 248 -3.06 4.35 22.81
C ALA B 248 -3.70 5.46 23.63
N LEU B 249 -3.94 5.20 24.92
CA LEU B 249 -4.50 6.21 25.81
C LEU B 249 -3.60 7.43 25.91
N LYS B 250 -2.29 7.21 25.99
CA LYS B 250 -1.38 8.35 26.07
C LYS B 250 -1.46 9.21 24.82
N ALA B 251 -1.47 8.58 23.64
CA ALA B 251 -1.54 9.35 22.39
C ALA B 251 -2.87 10.09 22.26
N GLY B 252 -3.97 9.42 22.57
CA GLY B 252 -5.28 10.05 22.52
C GLY B 252 -5.41 11.21 23.48
N ARG B 253 -4.86 11.08 24.69
CA ARG B 253 -4.94 12.18 25.64
C ARG B 253 -4.11 13.37 25.19
N LYS B 254 -2.91 13.10 24.67
CA LYS B 254 -2.09 14.17 24.08
C LYS B 254 -2.83 14.88 22.95
N LEU B 255 -3.45 14.10 22.05
CA LEU B 255 -4.20 14.67 20.93
C LEU B 255 -5.36 15.55 21.41
N LEU B 256 -6.14 15.06 22.37
CA LEU B 256 -7.27 15.85 22.85
C LEU B 256 -6.79 17.13 23.53
N GLY B 257 -5.70 17.04 24.29
CA GLY B 257 -5.12 18.23 24.88
C GLY B 257 -4.71 19.27 23.85
N GLN B 258 -4.02 18.81 22.78
CA GLN B 258 -3.64 19.72 21.70
C GLN B 258 -4.86 20.35 21.04
N LEU B 259 -5.86 19.54 20.72
CA LEU B 259 -7.08 20.05 20.09
C LEU B 259 -7.83 21.03 20.96
N SER B 260 -7.61 21.03 22.28
CA SER B 260 -8.29 22.00 23.12
C SER B 260 -7.56 23.35 23.18
N GLN B 261 -6.38 23.47 22.59
CA GLN B 261 -5.65 24.73 22.55
C GLN B 261 -6.20 25.64 21.47
N ASN B 262 -6.19 26.96 21.76
CA ASN B 262 -6.79 27.92 20.86
C ASN B 262 -6.20 27.88 19.46
N VAL B 263 -4.90 27.60 19.34
CA VAL B 263 -4.26 27.53 18.03
C VAL B 263 -4.79 26.38 17.16
N TRP B 264 -5.40 25.35 17.76
CA TRP B 264 -5.90 24.21 17.00
C TRP B 264 -7.42 24.17 16.93
N LEU B 265 -8.08 25.28 17.27
CA LEU B 265 -9.53 25.30 17.30
C LEU B 265 -10.15 24.92 15.94
N ASN B 266 -9.51 25.30 14.83
CA ASN B 266 -10.03 25.00 13.51
C ASN B 266 -9.34 23.82 12.82
N HIS B 267 -8.49 23.08 13.53
CA HIS B 267 -7.97 21.83 12.98
C HIS B 267 -9.14 20.93 12.57
N PRO B 268 -9.06 20.24 11.43
CA PRO B 268 -10.23 19.46 10.96
C PRO B 268 -10.66 18.34 11.93
N LEU B 269 -9.75 17.82 12.75
CA LEU B 269 -10.18 16.79 13.71
C LEU B 269 -11.14 17.32 14.77
N ASN B 270 -11.14 18.63 15.03
CA ASN B 270 -12.12 19.16 15.96
C ASN B 270 -13.55 19.01 15.46
N ALA B 271 -13.75 18.87 14.16
CA ALA B 271 -15.09 18.62 13.65
C ALA B 271 -15.62 17.25 14.09
N ARG B 272 -14.75 16.39 14.64
CA ARG B 272 -15.05 15.05 15.09
C ARG B 272 -14.75 14.88 16.58
N ARG B 273 -14.69 15.98 17.33
CA ARG B 273 -14.16 15.88 18.69
C ARG B 273 -14.91 14.84 19.54
N GLU B 274 -16.25 14.83 19.48
CA GLU B 274 -17.01 13.92 20.35
C GLU B 274 -16.66 12.48 20.05
N ALA B 275 -16.56 12.14 18.76
CA ALA B 275 -16.18 10.77 18.40
C ALA B 275 -14.83 10.41 19.02
N LEU B 276 -13.86 11.33 18.92
CA LEU B 276 -12.54 11.05 19.48
C LEU B 276 -12.61 10.95 21.00
N GLU B 277 -13.44 11.80 21.63
CA GLU B 277 -13.55 11.74 23.09
C GLU B 277 -14.08 10.40 23.52
N ALA B 278 -15.05 9.86 22.77
CA ALA B 278 -15.64 8.58 23.16
C ALA B 278 -14.62 7.46 23.05
N GLN B 279 -13.83 7.49 21.97
CA GLN B 279 -12.81 6.45 21.79
C GLN B 279 -11.78 6.55 22.89
N VAL B 280 -11.43 7.79 23.28
CA VAL B 280 -10.42 7.87 24.35
C VAL B 280 -11.05 7.42 25.68
N ALA B 281 -12.34 7.65 25.88
CA ALA B 281 -12.98 7.16 27.09
C ALA B 281 -12.93 5.64 27.11
N LEU B 282 -13.11 5.02 25.95
CA LEU B 282 -13.04 3.56 25.86
C LEU B 282 -11.65 3.11 26.25
N LEU B 283 -10.62 3.78 25.69
CA LEU B 283 -9.24 3.38 25.98
C LEU B 283 -8.97 3.53 27.47
N GLU B 284 -9.49 4.58 28.07
CA GLU B 284 -9.30 4.76 29.50
C GLU B 284 -9.92 3.60 30.25
N ALA B 285 -11.13 3.20 29.86
CA ALA B 285 -11.81 2.15 30.61
C ALA B 285 -11.07 0.83 30.48
N VAL B 286 -10.51 0.59 29.30
CA VAL B 286 -9.82 -0.68 29.10
C VAL B 286 -8.56 -0.67 29.92
N ASP B 287 -7.84 0.46 29.89
CA ASP B 287 -6.63 0.56 30.68
C ASP B 287 -6.93 0.28 32.14
N ARG B 288 -8.05 0.81 32.64
CA ARG B 288 -8.43 0.59 34.03
C ARG B 288 -8.68 -0.88 34.31
N PHE B 289 -9.42 -1.53 33.40
CA PHE B 289 -9.75 -2.93 33.58
C PHE B 289 -8.49 -3.78 33.51
N LEU B 290 -7.56 -3.45 32.59
CA LEU B 290 -6.36 -4.28 32.49
C LEU B 290 -5.56 -4.21 33.76
N LYS B 291 -5.59 -3.03 34.41
CA LYS B 291 -4.82 -2.91 35.63
C LYS B 291 -5.49 -3.66 36.77
N ALA B 292 -6.82 -3.66 36.80
CA ALA B 292 -7.55 -4.23 37.92
C ALA B 292 -7.79 -5.72 37.76
N ARG B 293 -7.95 -6.20 36.52
CA ARG B 293 -8.30 -7.58 36.18
C ARG B 293 -9.58 -8.05 36.85
N ASP B 294 -10.51 -7.13 37.10
CA ASP B 294 -11.70 -7.44 37.89
C ASP B 294 -12.95 -7.15 37.06
N PHE B 295 -13.83 -8.13 36.95
CA PHE B 295 -14.95 -8.07 36.00
C PHE B 295 -16.09 -7.20 36.49
N ALA B 296 -15.93 -6.49 37.60
CA ALA B 296 -16.90 -5.45 37.94
C ALA B 296 -16.79 -4.22 37.03
N LEU B 297 -15.65 -4.04 36.38
CA LEU B 297 -15.38 -2.87 35.53
C LEU B 297 -15.94 -3.13 34.13
N LYS B 298 -17.27 -2.99 34.01
CA LYS B 298 -18.00 -3.41 32.81
C LYS B 298 -17.56 -2.64 31.57
N GLU B 299 -17.30 -1.34 31.70
CA GLU B 299 -16.93 -0.56 30.51
C GLU B 299 -15.64 -1.07 29.90
N GLY B 300 -14.67 -1.46 30.74
CA GLY B 300 -13.41 -1.98 30.22
C GLY B 300 -13.54 -3.37 29.63
N VAL B 301 -14.37 -4.21 30.24
CA VAL B 301 -14.65 -5.50 29.63
C VAL B 301 -15.24 -5.29 28.23
N TYR B 302 -16.23 -4.39 28.14
CA TYR B 302 -16.85 -4.12 26.86
C TYR B 302 -15.82 -3.61 25.85
N GLY B 303 -14.99 -2.63 26.26
CA GLY B 303 -14.03 -2.06 25.34
C GLY B 303 -13.03 -3.09 24.86
N LEU B 304 -12.61 -4.00 25.75
CA LEU B 304 -11.62 -5.00 25.35
C LEU B 304 -12.24 -6.05 24.43
N ALA B 305 -13.43 -6.55 24.80
CA ALA B 305 -14.10 -7.54 23.95
C ALA B 305 -14.46 -6.96 22.60
N ARG B 306 -14.94 -5.71 22.56
CA ARG B 306 -15.24 -5.05 21.30
C ARG B 306 -13.99 -4.92 20.42
N THR B 307 -12.88 -4.51 21.03
CA THR B 307 -11.62 -4.43 20.29
C THR B 307 -11.24 -5.79 19.69
N LEU B 308 -11.29 -6.84 20.52
CA LEU B 308 -10.90 -8.17 20.04
C LEU B 308 -11.82 -8.68 18.93
N LEU B 309 -13.13 -8.43 19.06
CA LEU B 309 -14.04 -8.92 18.02
C LEU B 309 -13.82 -8.19 16.70
N HIS B 310 -13.59 -6.88 16.78
CA HIS B 310 -13.24 -6.12 15.57
C HIS B 310 -11.95 -6.64 14.92
N LEU B 311 -10.91 -6.90 15.73
CA LEU B 311 -9.69 -7.49 15.19
C LEU B 311 -9.93 -8.86 14.56
N ALA B 312 -10.77 -9.68 15.19
CA ALA B 312 -11.09 -10.99 14.61
C ALA B 312 -11.79 -10.85 13.27
N GLN B 313 -12.70 -9.87 13.16
CA GLN B 313 -13.37 -9.65 11.87
C GLN B 313 -12.38 -9.23 10.81
N GLU B 314 -11.43 -8.36 11.16
CA GLU B 314 -10.45 -7.93 10.15
C GLU B 314 -9.48 -9.03 9.76
N ALA B 315 -9.16 -9.95 10.68
CA ALA B 315 -8.22 -11.03 10.38
C ALA B 315 -8.87 -12.24 9.71
N LYS B 316 -10.20 -12.22 9.53
CA LYS B 316 -10.93 -13.40 9.11
C LYS B 316 -10.42 -13.92 7.76
N GLU B 317 -10.01 -13.03 6.87
CA GLU B 317 -9.59 -13.44 5.53
C GLU B 317 -8.11 -13.79 5.46
N GLU B 318 -7.24 -12.82 5.79
CA GLU B 318 -5.80 -12.97 5.61
C GLU B 318 -5.10 -13.65 6.79
N ALA B 319 -5.75 -13.84 7.93
CA ALA B 319 -5.03 -14.30 9.12
C ALA B 319 -5.94 -15.16 10.02
N ALA B 320 -6.40 -16.29 9.47
CA ALA B 320 -7.43 -17.10 10.14
C ALA B 320 -7.00 -17.58 11.52
N VAL B 321 -5.72 -17.91 11.70
CA VAL B 321 -5.24 -18.40 13.00
C VAL B 321 -5.35 -17.30 14.06
N LEU B 322 -4.91 -16.08 13.71
CA LEU B 322 -5.11 -14.96 14.61
C LEU B 322 -6.56 -14.66 14.84
N ALA B 323 -7.39 -14.73 13.80
CA ALA B 323 -8.81 -14.48 13.97
C ALA B 323 -9.38 -15.39 15.06
N ALA B 324 -9.03 -16.67 15.00
CA ALA B 324 -9.49 -17.62 16.03
C ALA B 324 -9.03 -17.19 17.41
N LEU B 325 -7.75 -16.86 17.55
CA LEU B 325 -7.22 -16.41 18.84
C LEU B 325 -7.99 -15.20 19.39
N TYR B 326 -8.19 -14.19 18.56
CA TYR B 326 -8.90 -12.99 19.00
C TYR B 326 -10.33 -13.34 19.44
N ALA B 327 -11.01 -14.15 18.63
CA ALA B 327 -12.39 -14.51 18.93
C ALA B 327 -12.50 -15.34 20.21
N TYR B 328 -11.57 -16.28 20.43
CA TYR B 328 -11.58 -17.07 21.67
C TYR B 328 -11.40 -16.18 22.88
N ARG B 329 -10.45 -15.24 22.81
CA ARG B 329 -10.21 -14.38 23.97
C ARG B 329 -11.41 -13.50 24.26
N ALA B 330 -12.04 -12.96 23.21
CA ALA B 330 -13.23 -12.16 23.42
C ALA B 330 -14.35 -12.98 24.06
N LEU B 331 -14.62 -14.18 23.55
CA LEU B 331 -15.67 -14.98 24.15
C LEU B 331 -15.36 -15.32 25.60
N GLU B 332 -14.13 -15.69 25.88
CA GLU B 332 -13.73 -15.99 27.26
C GLU B 332 -14.00 -14.82 28.18
N LEU B 333 -13.56 -13.62 27.79
CA LEU B 333 -13.83 -12.43 28.61
C LEU B 333 -15.31 -12.26 28.87
N LEU B 334 -16.13 -12.43 27.82
CA LEU B 334 -17.56 -12.18 27.99
C LEU B 334 -18.24 -13.25 28.86
N LEU B 335 -17.82 -14.51 28.73
CA LEU B 335 -18.33 -15.54 29.63
C LEU B 335 -17.91 -15.30 31.08
N GLN B 336 -16.67 -14.85 31.29
CA GLN B 336 -16.22 -14.55 32.65
C GLN B 336 -17.00 -13.39 33.25
N GLU B 337 -17.34 -12.39 32.43
CA GLU B 337 -18.17 -11.31 32.95
C GLU B 337 -19.56 -11.82 33.34
N ARG B 338 -20.13 -12.74 32.53
CA ARG B 338 -21.38 -13.37 32.93
C ARG B 338 -21.24 -14.09 34.26
N LEU B 339 -20.13 -14.79 34.47
CA LEU B 339 -19.94 -15.48 35.75
C LEU B 339 -19.86 -14.49 36.90
N ALA B 340 -19.23 -13.34 36.64
CA ALA B 340 -19.15 -12.28 37.66
C ALA B 340 -20.54 -11.77 38.03
N LEU B 341 -21.47 -11.76 37.08
CA LEU B 341 -22.86 -11.51 37.47
C LEU B 341 -23.37 -12.46 38.57
N LEU B 342 -22.73 -13.61 38.79
CA LEU B 342 -23.09 -14.52 39.87
C LEU B 342 -22.13 -14.45 41.07
N GLY B 343 -21.22 -13.49 41.10
CA GLY B 343 -20.25 -13.40 42.18
C GLY B 343 -19.10 -14.37 42.14
N ARG B 344 -18.86 -15.04 41.01
CA ARG B 344 -17.90 -16.13 40.97
C ARG B 344 -16.79 -15.85 39.96
N ARG B 345 -15.68 -16.58 40.13
CA ARG B 345 -14.45 -16.42 39.38
C ARG B 345 -14.04 -17.75 38.76
N ALA B 346 -13.62 -17.73 37.49
CA ALA B 346 -13.41 -18.97 36.76
C ALA B 346 -12.19 -19.73 37.27
N GLU B 347 -11.19 -19.01 37.79
CA GLU B 347 -10.00 -19.66 38.30
C GLU B 347 -10.22 -20.31 39.65
N ALA B 348 -11.27 -19.90 40.36
CA ALA B 348 -11.63 -20.49 41.65
C ALA B 348 -13.13 -20.37 41.80
N PRO B 349 -13.90 -21.17 41.07
CA PRO B 349 -15.36 -21.02 41.10
C PRO B 349 -15.98 -21.53 42.37
N GLY B 350 -15.29 -22.36 43.14
CA GLY B 350 -15.86 -22.88 44.36
C GLY B 350 -17.06 -23.78 44.09
N LEU B 351 -16.90 -24.74 43.18
CA LEU B 351 -18.00 -25.66 42.88
C LEU B 351 -18.29 -26.52 44.09
N SER B 352 -19.56 -26.61 44.48
CA SER B 352 -19.95 -27.61 45.46
C SER B 352 -19.83 -29.00 44.82
N PRO B 353 -19.82 -30.07 45.64
CA PRO B 353 -19.81 -31.42 45.04
C PRO B 353 -21.00 -31.67 44.11
N GLU B 354 -22.19 -31.17 44.48
CA GLU B 354 -23.36 -31.32 43.61
C GLU B 354 -23.18 -30.56 42.29
N GLU B 355 -22.65 -29.34 42.37
CA GLU B 355 -22.44 -28.56 41.16
C GLU B 355 -21.42 -29.22 40.24
N ALA B 356 -20.32 -29.73 40.81
CA ALA B 356 -19.31 -30.40 40.00
C ALA B 356 -19.87 -31.66 39.32
N GLU B 357 -20.64 -32.47 40.06
CA GLU B 357 -21.27 -33.63 39.45
C GLU B 357 -22.22 -33.21 38.31
N ALA B 358 -23.06 -32.22 38.55
CA ALA B 358 -23.99 -31.78 37.51
C ALA B 358 -23.24 -31.26 36.28
N LEU B 359 -22.14 -30.58 36.50
CA LEU B 359 -21.37 -30.02 35.38
C LEU B 359 -20.70 -31.12 34.56
N ARG B 360 -20.14 -32.13 35.23
CA ARG B 360 -19.60 -33.27 34.49
C ARG B 360 -20.69 -33.94 33.67
N LYS B 361 -21.89 -34.12 34.23
CA LYS B 361 -22.98 -34.73 33.46
C LYS B 361 -23.34 -33.91 32.22
N ALA B 362 -23.44 -32.59 32.37
CA ALA B 362 -23.81 -31.73 31.23
C ALA B 362 -22.72 -31.70 30.16
N LEU B 363 -21.46 -31.64 30.59
CA LEU B 363 -20.35 -31.69 29.64
C LEU B 363 -20.31 -33.02 28.92
N ALA B 364 -20.57 -34.12 29.63
CA ALA B 364 -20.59 -35.44 29.00
C ALA B 364 -21.67 -35.52 27.94
N GLU B 365 -22.86 -34.99 28.23
CA GLU B 365 -23.90 -34.97 27.22
C GLU B 365 -23.48 -34.16 25.99
N LEU B 366 -22.76 -33.05 26.20
CA LEU B 366 -22.32 -32.24 25.06
C LEU B 366 -21.17 -32.85 24.28
N LEU B 367 -20.26 -33.57 24.94
CA LEU B 367 -19.06 -34.09 24.32
C LEU B 367 -19.21 -35.51 23.81
N GLY B 368 -20.41 -36.09 23.96
CA GLY B 368 -20.62 -37.50 23.61
C GLY B 368 -19.74 -38.49 24.37
N VAL B 369 -19.58 -38.31 25.69
CA VAL B 369 -18.82 -39.24 26.52
C VAL B 369 -19.61 -39.55 27.80
N LEU B 370 -19.06 -40.45 28.60
CA LEU B 370 -19.62 -40.75 29.92
C LEU B 370 -19.15 -39.71 30.92
N PRO B 371 -19.97 -39.40 31.93
CA PRO B 371 -19.55 -38.42 32.94
C PRO B 371 -18.22 -38.76 33.59
N GLU B 372 -17.93 -40.05 33.75
CA GLU B 372 -16.69 -40.50 34.37
C GLU B 372 -15.46 -40.15 33.53
N GLU B 373 -15.63 -39.89 32.24
CA GLU B 373 -14.50 -39.52 31.41
C GLU B 373 -14.19 -38.03 31.47
N VAL B 374 -15.08 -37.23 32.05
CA VAL B 374 -14.94 -35.78 32.13
C VAL B 374 -14.14 -35.44 33.37
N ARG B 375 -13.07 -34.68 33.19
CA ARG B 375 -12.23 -34.25 34.31
C ARG B 375 -12.21 -32.73 34.34
N LEU B 376 -12.72 -32.16 35.43
CA LEU B 376 -12.82 -30.72 35.51
C LEU B 376 -11.49 -30.13 35.95
N PRO B 377 -10.87 -29.26 35.17
CA PRO B 377 -9.65 -28.60 35.64
C PRO B 377 -9.96 -27.65 36.77
N ALA B 378 -8.90 -27.27 37.50
CA ALA B 378 -9.04 -26.27 38.56
C ALA B 378 -9.64 -24.96 38.03
N LYS B 379 -9.09 -24.45 36.93
CA LYS B 379 -9.64 -23.30 36.22
C LYS B 379 -10.61 -23.77 35.15
N LEU B 380 -11.86 -23.30 35.20
CA LEU B 380 -12.84 -23.65 34.19
C LEU B 380 -12.38 -23.26 32.80
N GLY B 381 -12.24 -24.25 31.93
CA GLY B 381 -12.07 -23.97 30.51
C GLY B 381 -13.30 -23.31 29.91
N LEU B 382 -13.13 -22.91 28.65
CA LEU B 382 -14.17 -22.18 27.92
C LEU B 382 -15.49 -22.95 27.84
N LEU B 383 -15.41 -24.23 27.45
CA LEU B 383 -16.63 -25.02 27.35
C LEU B 383 -17.22 -25.31 28.74
N ASP B 384 -16.37 -25.66 29.72
CA ASP B 384 -16.85 -25.77 31.10
C ASP B 384 -17.54 -24.52 31.56
N LEU B 385 -17.03 -23.34 31.20
CA LEU B 385 -17.66 -22.11 31.66
C LEU B 385 -19.02 -21.91 31.00
N LEU B 386 -19.12 -22.21 29.71
CA LEU B 386 -20.41 -22.07 29.05
C LEU B 386 -21.43 -23.05 29.64
N ALA B 387 -21.02 -24.31 29.84
CA ALA B 387 -21.92 -25.31 30.41
C ALA B 387 -22.33 -24.92 31.82
N PHE B 388 -21.39 -24.37 32.59
CA PHE B 388 -21.70 -23.99 33.96
C PHE B 388 -22.72 -22.85 34.01
N LEU B 389 -22.55 -21.84 33.15
CA LEU B 389 -23.52 -20.76 33.12
C LEU B 389 -24.91 -21.28 32.73
N ARG B 390 -24.97 -22.23 31.80
CA ARG B 390 -26.27 -22.80 31.45
C ARG B 390 -26.88 -23.58 32.60
N LEU B 391 -26.05 -24.28 33.38
CA LEU B 391 -26.52 -24.97 34.58
C LEU B 391 -27.05 -24.00 35.62
N LYS B 392 -26.43 -22.82 35.71
CA LYS B 392 -26.88 -21.84 36.68
C LYS B 392 -27.99 -20.96 36.14
N GLY B 393 -28.50 -21.23 34.94
CA GLY B 393 -29.67 -20.50 34.45
C GLY B 393 -29.37 -19.15 33.86
N ASP B 394 -28.14 -18.89 33.44
CA ASP B 394 -27.79 -17.65 32.75
C ASP B 394 -28.73 -17.43 31.58
N GLU B 395 -29.36 -16.26 31.57
CA GLU B 395 -30.44 -16.01 30.62
C GLU B 395 -29.91 -15.91 29.20
N ALA B 396 -28.75 -15.27 29.00
CA ALA B 396 -28.18 -15.15 27.66
C ALA B 396 -27.74 -16.51 27.11
N LEU B 397 -27.07 -17.32 27.92
CA LEU B 397 -26.61 -18.60 27.40
C LEU B 397 -27.73 -19.63 27.33
N GLY B 398 -28.79 -19.44 28.11
CA GLY B 398 -29.92 -20.35 28.07
C GLY B 398 -30.64 -20.31 26.74
N ARG B 399 -30.56 -19.18 26.03
CA ARG B 399 -31.22 -19.02 24.74
C ARG B 399 -30.52 -19.76 23.61
N LEU B 400 -29.27 -20.18 23.81
CA LEU B 400 -28.56 -20.96 22.80
C LEU B 400 -29.28 -22.29 22.56
N SER B 401 -29.50 -22.63 21.28
CA SER B 401 -30.12 -23.93 21.06
C SER B 401 -29.09 -25.03 21.27
N LEU B 402 -29.60 -26.24 21.53
CA LEU B 402 -28.71 -27.39 21.67
C LEU B 402 -27.95 -27.66 20.38
N ALA B 403 -28.60 -27.51 19.23
CA ALA B 403 -27.91 -27.69 17.96
C ALA B 403 -26.73 -26.73 17.80
N GLU B 404 -26.93 -25.44 18.12
CA GLU B 404 -25.82 -24.48 17.98
C GLU B 404 -24.66 -24.81 18.92
N LEU B 405 -24.98 -25.19 20.15
CA LEU B 405 -23.95 -25.54 21.12
C LEU B 405 -23.22 -26.80 20.72
N ARG B 406 -23.92 -27.82 20.24
CA ARG B 406 -23.24 -29.00 19.73
C ARG B 406 -22.33 -28.65 18.56
N GLY B 407 -22.77 -27.71 17.72
CA GLY B 407 -21.93 -27.29 16.61
C GLY B 407 -20.68 -26.56 17.05
N LEU B 408 -20.76 -25.82 18.16
CA LEU B 408 -19.59 -25.11 18.67
C LEU B 408 -18.75 -25.91 19.65
N ALA B 409 -19.24 -27.08 20.10
CA ALA B 409 -18.57 -27.80 21.18
C ALA B 409 -17.13 -28.15 20.84
N GLY B 410 -16.87 -28.60 19.61
CA GLY B 410 -15.50 -28.96 19.26
C GLY B 410 -14.55 -27.79 19.32
N ALA B 411 -14.98 -26.65 18.77
CA ALA B 411 -14.15 -25.45 18.79
C ALA B 411 -13.95 -24.91 20.20
N LEU B 412 -15.01 -24.94 21.03
CA LEU B 412 -14.88 -24.42 22.40
C LEU B 412 -13.97 -25.33 23.23
N LYS B 413 -14.15 -26.64 23.07
CA LYS B 413 -13.33 -27.61 23.79
C LYS B 413 -11.86 -27.45 23.46
N GLY B 414 -11.55 -27.10 22.21
CA GLY B 414 -10.17 -26.96 21.79
C GLY B 414 -9.57 -25.58 21.93
N ARG B 415 -10.15 -24.72 22.77
CA ARG B 415 -9.60 -23.38 23.03
C ARG B 415 -8.09 -23.43 23.32
N ASN B 416 -7.70 -24.19 24.34
CA ASN B 416 -6.28 -24.24 24.62
C ASN B 416 -5.49 -25.09 23.65
N SER B 417 -6.15 -25.91 22.84
CA SER B 417 -5.44 -26.69 21.84
C SER B 417 -5.14 -25.88 20.58
N ALA B 418 -5.52 -24.60 20.56
CA ALA B 418 -5.16 -23.75 19.43
C ALA B 418 -3.65 -23.71 19.22
N LEU B 419 -3.24 -23.54 17.96
CA LEU B 419 -1.83 -23.53 17.59
C LEU B 419 -1.05 -22.49 18.39
N LEU B 420 -1.62 -21.31 18.62
CA LEU B 420 -0.87 -20.26 19.29
C LEU B 420 -1.13 -20.23 20.79
N VAL B 421 -1.84 -21.21 21.33
CA VAL B 421 -2.01 -21.32 22.78
C VAL B 421 -1.14 -22.50 23.23
N HIS B 422 -1.71 -23.70 23.42
CA HIS B 422 -0.91 -24.84 23.88
C HIS B 422 -0.84 -26.01 22.91
N GLY B 423 -1.50 -25.95 21.75
CA GLY B 423 -1.60 -27.11 20.89
C GLY B 423 -1.26 -26.82 19.44
N PHE B 424 -1.99 -27.48 18.56
CA PHE B 424 -1.62 -27.53 17.15
C PHE B 424 -2.80 -27.32 16.24
N ASP B 425 -3.96 -26.96 16.78
CA ASP B 425 -5.19 -26.98 16.01
C ASP B 425 -5.50 -25.60 15.45
N VAL B 426 -6.22 -25.59 14.33
CA VAL B 426 -6.87 -24.39 13.83
C VAL B 426 -8.33 -24.79 13.58
N PRO B 427 -9.29 -24.20 14.28
CA PRO B 427 -10.70 -24.53 13.99
C PRO B 427 -11.11 -24.01 12.63
N SER B 428 -12.18 -24.60 12.09
CA SER B 428 -12.68 -24.16 10.78
C SER B 428 -13.13 -22.70 10.85
N PRO B 429 -12.99 -21.96 9.75
CA PRO B 429 -13.55 -20.60 9.71
C PRO B 429 -15.03 -20.58 10.07
N LYS B 430 -15.79 -21.63 9.75
CA LYS B 430 -17.21 -21.65 10.11
C LYS B 430 -17.39 -21.68 11.63
N ALA B 431 -16.53 -22.42 12.33
CA ALA B 431 -16.61 -22.46 13.78
C ALA B 431 -16.18 -21.13 14.40
N VAL B 432 -15.11 -20.53 13.89
CA VAL B 432 -14.73 -19.20 14.36
C VAL B 432 -15.85 -18.21 14.13
N GLU B 433 -16.54 -18.32 12.99
CA GLU B 433 -17.69 -17.48 12.75
C GLU B 433 -18.75 -17.68 13.83
N GLY B 434 -19.02 -18.94 14.19
CA GLY B 434 -20.00 -19.21 15.23
C GLY B 434 -19.57 -18.70 16.61
N ILE B 435 -18.28 -18.82 16.92
CA ILE B 435 -17.76 -18.29 18.18
C ILE B 435 -17.89 -16.77 18.22
N ALA B 436 -17.55 -16.11 17.11
CA ALA B 436 -17.70 -14.65 17.07
C ALA B 436 -19.16 -14.23 17.13
N ARG B 437 -20.08 -15.03 16.55
CA ARG B 437 -21.50 -14.69 16.66
C ARG B 437 -22.01 -14.80 18.08
N LEU B 438 -21.62 -15.88 18.78
CA LEU B 438 -22.00 -16.03 20.18
C LEU B 438 -21.47 -14.86 21.01
N ALA B 439 -20.18 -14.57 20.86
CA ALA B 439 -19.56 -13.43 21.53
C ALA B 439 -20.29 -12.12 21.20
N GLN B 440 -20.66 -11.91 19.94
CA GLN B 440 -21.36 -10.67 19.58
C GLN B 440 -22.67 -10.54 20.33
N GLY B 441 -23.45 -11.62 20.45
CA GLY B 441 -24.69 -11.54 21.22
C GLY B 441 -24.46 -11.20 22.69
N LEU B 442 -23.42 -11.78 23.27
CA LEU B 442 -23.09 -11.45 24.66
C LEU B 442 -22.62 -10.00 24.77
N LEU B 443 -21.90 -9.55 23.75
CA LEU B 443 -21.43 -8.17 23.73
C LEU B 443 -22.59 -7.18 23.65
N GLN B 444 -23.63 -7.50 22.88
CA GLN B 444 -24.75 -6.55 22.80
C GLN B 444 -25.50 -6.49 24.13
N ASP B 445 -25.60 -7.63 24.82
CA ASP B 445 -26.13 -7.62 26.19
C ASP B 445 -25.29 -6.71 27.09
N LEU B 446 -23.95 -6.84 27.05
CA LEU B 446 -23.09 -6.01 27.90
C LEU B 446 -23.15 -4.54 27.51
N GLU B 447 -23.18 -4.27 26.22
CA GLU B 447 -23.22 -2.92 25.70
C GLU B 447 -24.39 -2.15 26.28
N ALA B 448 -25.52 -2.84 26.48
CA ALA B 448 -26.66 -2.14 27.08
C ALA B 448 -26.44 -1.76 28.55
N ARG B 449 -25.45 -2.36 29.24
CA ARG B 449 -25.21 -2.24 30.67
C ARG B 449 -23.98 -1.40 31.04
N THR B 450 -23.45 -0.63 30.08
CA THR B 450 -22.17 0.05 30.20
C THR B 450 -22.36 1.54 29.92
N ALA B 451 -21.64 2.40 30.64
CA ALA B 451 -21.73 3.85 30.41
C ALA B 451 -21.09 4.31 29.10
N LEU B 452 -20.32 3.45 28.42
CA LEU B 452 -19.72 3.83 27.14
C LEU B 452 -20.73 3.85 25.99
N GLY B 453 -21.84 3.12 26.12
CA GLY B 453 -22.77 2.95 25.03
C GLY B 453 -22.16 2.14 23.90
N PRO B 454 -22.83 2.10 22.75
CA PRO B 454 -22.25 1.39 21.59
C PRO B 454 -21.12 2.22 20.99
N LEU B 455 -19.93 1.63 20.87
CA LEU B 455 -18.76 2.33 20.39
C LEU B 455 -17.97 1.49 19.39
N SER B 456 -17.47 2.13 18.35
CA SER B 456 -16.73 1.37 17.35
C SER B 456 -15.24 1.69 17.39
N PRO B 457 -14.38 0.70 17.15
CA PRO B 457 -12.96 0.96 16.94
C PRO B 457 -12.62 1.50 15.55
N GLU B 458 -13.59 1.63 14.65
CA GLU B 458 -13.30 2.16 13.32
C GLU B 458 -12.73 3.57 13.44
N PRO B 459 -11.73 3.94 12.65
CA PRO B 459 -11.11 5.26 12.84
C PRO B 459 -12.03 6.38 12.36
N VAL B 460 -11.90 7.53 13.02
CA VAL B 460 -12.68 8.69 12.57
C VAL B 460 -12.17 9.14 11.22
N PRO B 461 -13.00 9.67 10.33
CA PRO B 461 -12.50 10.28 9.10
C PRO B 461 -11.54 11.42 9.42
N LEU B 462 -10.54 11.61 8.57
CA LEU B 462 -9.50 12.61 8.85
C LEU B 462 -10.00 14.04 8.70
N GLY B 463 -11.01 14.26 7.88
CA GLY B 463 -11.48 15.61 7.67
C GLY B 463 -10.77 16.36 6.57
N PHE B 464 -10.00 15.67 5.75
CA PHE B 464 -9.47 16.23 4.53
C PHE B 464 -9.52 15.16 3.44
PC A23 C 2 -0.62 26.71 -28.54
O1C A23 C 2 -1.54 25.42 -28.11
O2C A23 C 2 -1.24 27.34 -29.71
P A23 C 2 5.88 25.41 -26.16
OP1 A23 C 2 6.10 26.87 -26.11
OP2 A23 C 2 5.79 24.82 -24.79
O5' A23 C 2 4.63 24.98 -27.10
C5' A23 C 2 4.04 25.96 -27.98
C4' A23 C 2 2.65 26.26 -27.46
O4' A23 C 2 2.78 27.02 -26.34
C3' A23 C 2 1.78 27.07 -28.40
O3' A23 C 2 0.94 26.30 -28.97
C2' A23 C 2 0.94 28.07 -27.42
O2' A23 C 2 -0.50 27.60 -27.50
C1' A23 C 2 1.42 27.92 -26.23
N9 A23 C 2 1.91 29.17 -25.57
C8 A23 C 2 3.05 29.88 -25.86
N7 A23 C 2 3.11 30.91 -25.00
C5 A23 C 2 2.02 30.85 -24.18
C6 A23 C 2 1.58 31.64 -23.11
N6 A23 C 2 2.18 32.87 -22.50
N1 A23 C 2 0.46 31.30 -22.46
C2 A23 C 2 -0.27 30.20 -22.84
N3 A23 C 2 0.16 29.41 -23.88
C4 A23 C 2 1.30 29.75 -24.54
PC A23 D 2 5.43 20.92 -33.14
O1C A23 D 2 6.09 20.62 -31.86
O2C A23 D 2 6.34 22.06 -33.91
P A23 D 2 -1.06 18.80 -31.40
OP1 A23 D 2 -1.36 18.40 -32.83
OP2 A23 D 2 -0.93 17.61 -30.53
O5' A23 D 2 0.19 19.84 -31.24
C5' A23 D 2 0.78 20.48 -32.40
C4' A23 D 2 2.21 19.95 -32.56
O4' A23 D 2 2.13 18.69 -33.07
C3' A23 D 2 3.05 20.73 -33.55
O3' A23 D 2 3.88 21.50 -32.98
C2' A23 D 2 3.92 19.58 -34.33
O2' A23 D 2 5.35 19.78 -33.89
C1' A23 D 2 3.51 18.44 -33.90
N9 A23 D 2 3.05 17.51 -34.96
C8 A23 D 2 1.95 17.62 -35.76
N7 A23 D 2 1.90 16.55 -36.55
C5 A23 D 2 2.99 15.78 -36.25
C6 A23 D 2 3.46 14.58 -36.75
N6 A23 D 2 2.88 13.74 -37.83
N1 A23 D 2 4.57 14.03 -36.25
C2 A23 D 2 5.26 14.67 -35.23
N3 A23 D 2 4.81 15.84 -34.74
C4 A23 D 2 3.68 16.38 -35.25
#